data_4KIC
#
_entry.id   4KIC
#
_cell.length_a   57.547
_cell.length_b   93.498
_cell.length_c   142.245
_cell.angle_alpha   90.00
_cell.angle_beta   90.00
_cell.angle_gamma   90.00
#
_symmetry.space_group_name_H-M   'P 21 21 21'
#
loop_
_entity.id
_entity.type
_entity.pdbx_description
1 polymer 'Methyltransferase MppJ'
2 non-polymer S-ADENOSYLMETHIONINE
3 non-polymer '3-PHENYLPYRUVIC ACID'
4 non-polymer 'FE (III) ION'
5 non-polymer '(2R)-2-hydroxy-3-phenylpropanoic acid'
6 non-polymer 'CALCIUM ION'
7 non-polymer 'IODIDE ION'
8 water water
#
_entity_poly.entity_id   1
_entity_poly.type   'polypeptide(L)'
_entity_poly.pdbx_seq_one_letter_code
;MGSSHHHHHHSSGLVPRGSHMSTEVSEAQARRAVADIFNSTLASSAIGAAWELGALDELRENGKLDVSDFAVRHDLHEPA
VVGMFTALASVGIVRREGATVVVGPYFDEANHHRSLFHWLNQGSGELFRRMPQVLPNENRTGKFYQRDAGAISYACREIS
ERYFDPAFWAAVDGLGYTPTTVADLGSGSGERLIQIARRFPGVRGLGVDIADGAIAMAEKEVAAKGFGDQISFVRGDART
IDQVSARGEFAEVDLLTCFMMGHDFWPRENCVQTLRKLRAAFPNVRRFLLGDATRTVGIPDRELPVFTLGFEFGHDMMGV
YLPTLDEWDGVFEEGGWRCVKKHAIDSLSVSVVFELE
;
_entity_poly.pdbx_strand_id   A,B
#
loop_
_chem_comp.id
_chem_comp.type
_chem_comp.name
_chem_comp.formula
CA non-polymer 'CALCIUM ION' 'Ca 2'
FE non-polymer 'FE (III) ION' 'Fe 3'
HF2 peptide-like '(2R)-2-hydroxy-3-phenylpropanoic acid' 'C9 H10 O3'
IOD non-polymer 'IODIDE ION' 'I -1'
PPY non-polymer '3-PHENYLPYRUVIC ACID' 'C9 H8 O3'
SAM non-polymer S-ADENOSYLMETHIONINE 'C15 H22 N6 O5 S'
#
# COMPACT_ATOMS: atom_id res chain seq x y z
N GLU A 24 -31.58 -6.14 -4.57
CA GLU A 24 -31.23 -7.56 -4.86
C GLU A 24 -31.09 -8.06 -6.35
N VAL A 25 -30.65 -7.32 -7.39
CA VAL A 25 -30.13 -5.92 -7.49
C VAL A 25 -29.36 -5.33 -6.30
N SER A 26 -28.86 -4.10 -6.44
CA SER A 26 -28.42 -3.32 -5.29
C SER A 26 -27.40 -4.01 -4.36
N GLU A 27 -27.78 -5.09 -3.68
CA GLU A 27 -26.79 -5.98 -3.03
C GLU A 27 -25.74 -6.43 -4.04
N ALA A 28 -26.17 -6.63 -5.28
CA ALA A 28 -25.28 -6.99 -6.38
C ALA A 28 -24.43 -5.80 -6.82
N GLN A 29 -24.96 -4.61 -6.65
CA GLN A 29 -24.26 -3.41 -7.02
C GLN A 29 -23.20 -3.09 -5.97
N ALA A 30 -23.56 -3.28 -4.71
CA ALA A 30 -22.64 -3.06 -3.64
C ALA A 30 -21.49 -4.07 -3.70
N ARG A 31 -21.79 -5.28 -4.10
CA ARG A 31 -20.83 -6.34 -4.20
C ARG A 31 -19.79 -5.98 -5.25
N ARG A 32 -20.25 -5.58 -6.43
CA ARG A 32 -19.36 -5.11 -7.52
C ARG A 32 -18.50 -3.89 -7.11
N ALA A 33 -19.13 -2.93 -6.43
CA ALA A 33 -18.46 -1.69 -6.09
C ALA A 33 -17.33 -1.96 -5.10
N VAL A 34 -17.57 -2.82 -4.11
CA VAL A 34 -16.54 -3.20 -3.13
C VAL A 34 -15.42 -4.04 -3.73
N ALA A 35 -15.75 -4.98 -4.60
CA ALA A 35 -14.75 -5.71 -5.37
C ALA A 35 -13.89 -4.77 -6.23
N ASP A 36 -14.54 -3.76 -6.83
CA ASP A 36 -13.82 -2.72 -7.58
C ASP A 36 -12.90 -1.93 -6.67
N ILE A 37 -13.30 -1.72 -5.43
CA ILE A 37 -12.39 -0.98 -4.54
C ILE A 37 -11.17 -1.88 -4.21
N PHE A 38 -11.41 -3.19 -4.02
CA PHE A 38 -10.33 -4.07 -3.69
C PHE A 38 -9.39 -4.12 -4.85
N ASN A 39 -9.89 -4.39 -6.05
CA ASN A 39 -8.95 -4.55 -7.16
C ASN A 39 -8.34 -3.24 -7.55
N SER A 40 -9.03 -2.13 -7.28
CA SER A 40 -8.48 -0.84 -7.64
C SER A 40 -7.17 -0.61 -6.89
N THR A 41 -7.04 -1.14 -5.68
CA THR A 41 -5.77 -1.08 -4.93
C THR A 41 -4.64 -1.75 -5.66
N LEU A 42 -4.95 -2.89 -6.25
CA LEU A 42 -3.96 -3.60 -7.00
C LEU A 42 -3.62 -2.88 -8.31
N ALA A 43 -4.62 -2.39 -9.01
CA ALA A 43 -4.40 -1.63 -10.23
C ALA A 43 -3.56 -0.39 -9.91
N SER A 44 -3.94 0.32 -8.83
CA SER A 44 -3.26 1.53 -8.45
C SER A 44 -1.76 1.28 -8.24
N SER A 45 -1.44 0.25 -7.47
CA SER A 45 -0.07 -0.08 -7.24
C SER A 45 0.63 -0.53 -8.49
N ALA A 46 -0.10 -1.18 -9.39
CA ALA A 46 0.51 -1.66 -10.62
C ALA A 46 0.81 -0.53 -11.62
N ILE A 47 0.09 0.59 -11.52
CA ILE A 47 0.24 1.71 -12.46
C ILE A 47 1.62 2.32 -12.34
N GLY A 48 1.97 2.72 -11.10
CA GLY A 48 3.34 3.13 -10.78
C GLY A 48 4.37 2.10 -11.20
N ALA A 49 4.05 0.82 -11.06
CA ALA A 49 5.08 -0.21 -11.31
C ALA A 49 5.32 -0.44 -12.81
N ALA A 50 4.24 -0.47 -13.58
CA ALA A 50 4.30 -0.72 -15.01
C ALA A 50 4.98 0.48 -15.70
N TRP A 51 4.80 1.66 -15.09
CA TRP A 51 5.53 2.86 -15.47
C TRP A 51 7.01 2.58 -15.31
N GLU A 52 7.39 2.21 -14.11
CA GLU A 52 8.81 2.09 -13.77
C GLU A 52 9.51 1.04 -14.61
N LEU A 53 8.82 -0.04 -14.93
CA LEU A 53 9.43 -1.16 -15.67
C LEU A 53 9.31 -0.99 -17.18
N GLY A 54 8.56 0.03 -17.62
CA GLY A 54 8.43 0.37 -19.04
C GLY A 54 7.27 -0.25 -19.82
N ALA A 55 6.36 -0.94 -19.14
CA ALA A 55 5.15 -1.45 -19.81
C ALA A 55 4.24 -0.33 -20.32
N LEU A 56 4.13 0.75 -19.56
CA LEU A 56 3.27 1.83 -19.98
C LEU A 56 3.81 2.53 -21.25
N ASP A 57 5.09 2.88 -21.24
CA ASP A 57 5.72 3.52 -22.42
C ASP A 57 5.51 2.66 -23.67
N GLU A 58 5.74 1.36 -23.51
CA GLU A 58 5.60 0.43 -24.62
C GLU A 58 4.15 0.30 -25.10
N LEU A 59 3.21 0.22 -24.18
CA LEU A 59 1.79 0.23 -24.58
C LEU A 59 1.42 1.54 -25.26
N ARG A 60 2.06 2.63 -24.86
CA ARG A 60 1.75 3.94 -25.41
C ARG A 60 2.22 3.98 -26.87
N GLU A 61 3.43 3.45 -27.12
CA GLU A 61 4.06 3.49 -28.44
C GLU A 61 3.36 2.57 -29.41
N ASN A 62 3.05 1.36 -28.97
CA ASN A 62 2.63 0.29 -29.89
C ASN A 62 1.16 -0.08 -29.80
N GLY A 63 0.47 0.48 -28.80
CA GLY A 63 -0.94 0.15 -28.58
C GLY A 63 -1.17 -1.23 -27.96
N LYS A 64 -0.14 -2.07 -27.85
CA LYS A 64 -0.31 -3.43 -27.37
C LYS A 64 1.05 -4.05 -27.12
N LEU A 65 1.09 -5.19 -26.42
CA LEU A 65 2.33 -5.98 -26.29
C LEU A 65 2.08 -7.46 -25.98
N ASP A 66 3.14 -8.27 -26.09
CA ASP A 66 3.06 -9.70 -25.79
C ASP A 66 3.62 -9.90 -24.39
N VAL A 67 2.83 -10.47 -23.47
CA VAL A 67 3.26 -10.45 -22.06
C VAL A 67 4.51 -11.28 -21.81
N SER A 68 4.62 -12.45 -22.41
CA SER A 68 5.81 -13.29 -22.28
C SER A 68 7.04 -12.70 -22.88
N ASP A 69 6.88 -12.10 -24.06
CA ASP A 69 8.00 -11.38 -24.71
C ASP A 69 8.49 -10.22 -23.82
N PHE A 70 7.55 -9.46 -23.25
CA PHE A 70 7.85 -8.38 -22.31
C PHE A 70 8.58 -8.88 -21.05
N ALA A 71 8.13 -9.98 -20.47
CA ALA A 71 8.83 -10.58 -19.33
C ALA A 71 10.29 -10.94 -19.64
N VAL A 72 10.50 -11.53 -20.82
CA VAL A 72 11.81 -12.03 -21.20
C VAL A 72 12.74 -10.86 -21.48
N ARG A 73 12.32 -9.96 -22.34
CA ARG A 73 13.13 -8.77 -22.66
C ARG A 73 13.62 -8.14 -21.36
N HIS A 74 12.72 -7.97 -20.37
CA HIS A 74 13.06 -7.19 -19.17
C HIS A 74 13.44 -8.07 -17.99
N ASP A 75 13.57 -9.37 -18.23
CA ASP A 75 13.99 -10.36 -17.22
C ASP A 75 13.16 -10.29 -15.91
N LEU A 76 11.87 -10.45 -16.06
CA LEU A 76 10.93 -10.35 -14.96
C LEU A 76 10.24 -11.68 -14.73
N HIS A 77 9.83 -11.95 -13.48
CA HIS A 77 9.10 -13.17 -13.12
C HIS A 77 7.76 -13.16 -13.79
N GLU A 78 7.53 -14.14 -14.67
CA GLU A 78 6.42 -14.03 -15.59
C GLU A 78 5.05 -14.15 -14.93
N PRO A 79 4.91 -15.06 -13.97
CA PRO A 79 3.64 -15.12 -13.26
C PRO A 79 3.26 -13.81 -12.56
N ALA A 80 4.21 -13.13 -11.96
CA ALA A 80 3.91 -11.83 -11.37
C ALA A 80 3.56 -10.83 -12.46
N VAL A 81 4.26 -10.88 -13.59
CA VAL A 81 3.95 -9.97 -14.68
C VAL A 81 2.52 -10.14 -15.17
N VAL A 82 2.03 -11.38 -15.22
CA VAL A 82 0.65 -11.61 -15.61
C VAL A 82 -0.28 -10.98 -14.59
N GLY A 83 0.01 -11.14 -13.30
CA GLY A 83 -0.80 -10.48 -12.28
C GLY A 83 -0.87 -8.96 -12.44
N MET A 84 0.26 -8.36 -12.79
CA MET A 84 0.35 -6.92 -12.90
C MET A 84 -0.58 -6.44 -14.01
N PHE A 85 -0.54 -7.11 -15.16
CA PHE A 85 -1.42 -6.75 -16.28
C PHE A 85 -2.85 -7.12 -15.98
N THR A 86 -3.05 -8.20 -15.24
CA THR A 86 -4.41 -8.60 -14.87
C THR A 86 -5.00 -7.59 -13.90
N ALA A 87 -4.19 -7.13 -12.95
CA ALA A 87 -4.59 -6.03 -12.04
C ALA A 87 -4.96 -4.76 -12.79
N LEU A 88 -4.10 -4.33 -13.70
CA LEU A 88 -4.43 -3.21 -14.53
C LEU A 88 -5.73 -3.49 -15.28
N ALA A 89 -5.93 -4.72 -15.75
CA ALA A 89 -7.07 -4.97 -16.62
C ALA A 89 -8.36 -5.04 -15.83
N SER A 90 -8.27 -5.45 -14.57
CA SER A 90 -9.47 -5.55 -13.73
C SER A 90 -10.32 -4.30 -13.57
N VAL A 91 -9.75 -3.13 -13.87
CA VAL A 91 -10.44 -1.85 -13.72
C VAL A 91 -10.51 -1.00 -14.99
N GLY A 92 -9.95 -1.48 -16.09
CA GLY A 92 -10.13 -0.84 -17.40
C GLY A 92 -8.89 -0.19 -17.99
N ILE A 93 -7.78 -0.24 -17.33
CA ILE A 93 -6.66 0.50 -17.88
C ILE A 93 -6.11 -0.21 -19.11
N VAL A 94 -6.19 -1.53 -19.08
CA VAL A 94 -5.66 -2.39 -20.10
C VAL A 94 -6.72 -3.46 -20.38
N ARG A 95 -6.61 -4.16 -21.52
CA ARG A 95 -7.38 -5.38 -21.79
C ARG A 95 -6.46 -6.51 -22.17
N ARG A 96 -6.72 -7.71 -21.66
CA ARG A 96 -5.97 -8.87 -22.11
C ARG A 96 -6.74 -9.52 -23.24
N GLU A 97 -6.03 -9.82 -24.32
CA GLU A 97 -6.56 -10.61 -25.43
C GLU A 97 -5.58 -11.73 -25.58
N GLY A 98 -6.00 -12.96 -25.28
CA GLY A 98 -5.11 -14.09 -25.37
C GLY A 98 -3.90 -13.84 -24.49
N ALA A 99 -2.72 -14.08 -25.06
CA ALA A 99 -1.42 -13.95 -24.36
C ALA A 99 -0.82 -12.54 -24.54
N THR A 100 -1.69 -11.60 -24.78
CA THR A 100 -1.34 -10.30 -25.28
C THR A 100 -2.01 -9.27 -24.40
N VAL A 101 -1.42 -8.06 -24.35
CA VAL A 101 -2.06 -6.97 -23.62
C VAL A 101 -2.25 -5.78 -24.54
N VAL A 102 -3.39 -5.13 -24.35
CA VAL A 102 -3.86 -4.13 -25.25
C VAL A 102 -4.36 -2.95 -24.42
N VAL A 103 -4.22 -1.76 -25.00
CA VAL A 103 -4.60 -0.54 -24.36
C VAL A 103 -6.10 -0.52 -24.05
N GLY A 104 -6.45 -0.13 -22.84
CA GLY A 104 -7.82 -0.13 -22.38
C GLY A 104 -8.39 1.27 -22.47
N PRO A 105 -9.68 1.41 -22.19
CA PRO A 105 -10.31 2.71 -22.36
C PRO A 105 -9.80 3.78 -21.39
N TYR A 106 -9.29 3.37 -20.23
CA TYR A 106 -8.82 4.32 -19.24
C TYR A 106 -7.33 4.40 -19.33
N PHE A 107 -6.78 3.82 -20.38
CA PHE A 107 -5.35 3.84 -20.52
C PHE A 107 -4.75 5.23 -20.60
N ASP A 108 -5.31 6.15 -21.40
CA ASP A 108 -4.58 7.41 -21.69
C ASP A 108 -4.52 8.28 -20.43
N GLU A 109 -5.58 8.20 -19.63
CA GLU A 109 -5.71 9.02 -18.46
C GLU A 109 -4.85 8.45 -17.34
N ALA A 110 -4.89 7.14 -17.13
CA ALA A 110 -4.05 6.53 -16.10
C ALA A 110 -2.58 6.73 -16.46
N ASN A 111 -2.29 6.69 -17.74
CA ASN A 111 -0.91 6.94 -18.17
C ASN A 111 -0.49 8.39 -17.94
N HIS A 112 -1.43 9.30 -18.15
CA HIS A 112 -1.16 10.72 -17.93
C HIS A 112 -0.71 10.95 -16.46
N HIS A 113 -1.44 10.35 -15.52
CA HIS A 113 -1.32 10.63 -14.09
C HIS A 113 -0.51 9.54 -13.37
N ARG A 114 0.32 8.81 -14.11
CA ARG A 114 0.94 7.62 -13.55
C ARG A 114 1.89 7.94 -12.44
N SER A 115 2.53 9.09 -12.53
CA SER A 115 3.46 9.54 -11.48
C SER A 115 2.72 9.86 -10.17
N LEU A 116 1.44 10.19 -10.25
CA LEU A 116 0.66 10.44 -9.06
C LEU A 116 0.39 9.13 -8.30
N PHE A 117 0.20 8.05 -9.05
CA PHE A 117 0.00 6.74 -8.45
C PHE A 117 1.27 6.24 -7.87
N HIS A 118 2.38 6.48 -8.58
CA HIS A 118 3.68 6.07 -8.10
C HIS A 118 3.91 6.75 -6.77
N TRP A 119 3.53 8.03 -6.69
CA TRP A 119 3.74 8.81 -5.45
C TRP A 119 2.93 8.21 -4.31
N LEU A 120 1.70 7.80 -4.62
CA LEU A 120 0.78 7.28 -3.63
C LEU A 120 1.25 5.93 -3.11
N ASN A 121 1.66 5.07 -4.02
CA ASN A 121 2.05 3.71 -3.72
C ASN A 121 3.49 3.51 -3.40
N GLN A 122 4.32 3.39 -4.41
CA GLN A 122 5.75 3.18 -4.23
C GLN A 122 6.41 4.25 -3.35
N GLY A 123 5.95 5.49 -3.43
CA GLY A 123 6.54 6.53 -2.57
C GLY A 123 5.98 6.62 -1.16
N SER A 124 4.67 6.80 -1.05
CA SER A 124 4.02 7.07 0.23
C SER A 124 3.26 5.91 0.85
N GLY A 125 3.22 4.76 0.18
CA GLY A 125 2.55 3.57 0.66
C GLY A 125 2.74 3.08 2.09
N GLU A 126 3.97 3.04 2.62
CA GLU A 126 4.15 2.75 4.07
C GLU A 126 3.33 3.69 4.98
N LEU A 127 3.20 4.94 4.60
CA LEU A 127 2.45 5.84 5.42
C LEU A 127 1.02 5.31 5.55
N PHE A 128 0.40 5.05 4.45
CA PHE A 128 -1.02 4.69 4.47
C PHE A 128 -1.27 3.30 4.97
N ARG A 129 -0.37 2.37 4.67
CA ARG A 129 -0.41 1.05 5.23
C ARG A 129 -0.52 1.05 6.76
N ARG A 130 0.23 1.92 7.41
CA ARG A 130 0.32 1.94 8.88
C ARG A 130 -0.59 2.93 9.58
N MET A 131 -1.65 3.31 8.89
CA MET A 131 -2.71 4.16 9.40
C MET A 131 -3.17 3.83 10.84
N PRO A 132 -3.33 2.53 11.19
CA PRO A 132 -3.75 2.22 12.59
C PRO A 132 -2.70 2.58 13.62
N GLN A 133 -1.43 2.55 13.25
CA GLN A 133 -0.38 2.86 14.21
C GLN A 133 0.06 4.35 14.11
N VAL A 134 -0.27 4.99 12.99
CA VAL A 134 0.05 6.39 12.79
C VAL A 134 -0.99 7.36 13.36
N LEU A 135 -2.25 6.99 13.43
CA LEU A 135 -3.25 7.92 13.95
C LEU A 135 -3.25 8.18 15.45
N PRO A 136 -2.88 7.17 16.27
CA PRO A 136 -2.95 7.40 17.70
C PRO A 136 -1.89 8.38 18.24
N ASN A 137 -2.35 9.38 18.99
CA ASN A 137 -1.49 10.45 19.49
C ASN A 137 -0.31 9.89 20.27
N GLU A 138 -0.54 8.85 21.07
CA GLU A 138 0.54 8.25 21.88
C GLU A 138 1.75 7.81 21.02
N ASN A 139 1.52 7.46 19.74
CA ASN A 139 2.62 7.04 18.84
C ASN A 139 3.24 8.21 18.05
N ARG A 140 2.67 9.40 18.13
CA ARG A 140 3.05 10.50 17.23
C ARG A 140 4.26 11.32 17.72
N THR A 141 5.37 10.61 17.79
CA THR A 141 6.57 11.05 18.43
C THR A 141 7.71 10.46 17.62
N GLY A 142 8.81 11.20 17.48
CA GLY A 142 9.99 10.72 16.77
C GLY A 142 9.66 10.36 15.33
N LYS A 143 10.30 9.29 14.83
CA LYS A 143 10.02 8.78 13.49
C LYS A 143 8.81 7.82 13.57
N PHE A 144 7.62 8.39 13.48
CA PHE A 144 6.37 7.63 13.55
C PHE A 144 5.76 7.25 12.20
N TYR A 145 6.38 7.60 11.09
CA TYR A 145 5.99 7.10 9.76
C TYR A 145 7.24 6.98 8.91
N GLN A 146 7.14 6.20 7.84
CA GLN A 146 8.25 6.00 6.95
C GLN A 146 7.76 6.13 5.48
N ARG A 147 8.51 6.87 4.66
CA ARG A 147 8.29 6.82 3.24
C ARG A 147 9.60 6.59 2.50
N ASP A 148 9.52 6.40 1.18
CA ASP A 148 10.67 6.07 0.36
C ASP A 148 11.13 7.32 -0.38
N ALA A 149 12.24 7.91 0.04
CA ALA A 149 12.61 9.24 -0.51
C ALA A 149 13.06 9.20 -1.94
N GLY A 150 13.81 8.15 -2.28
CA GLY A 150 14.17 7.84 -3.67
C GLY A 150 13.00 7.71 -4.64
N ALA A 151 12.01 6.95 -4.23
CA ALA A 151 10.87 6.74 -5.05
C ALA A 151 10.07 8.05 -5.22
N ILE A 152 9.86 8.73 -4.12
CA ILE A 152 9.26 10.05 -4.14
C ILE A 152 10.00 10.97 -5.09
N SER A 153 11.32 10.95 -5.06
CA SER A 153 12.10 11.73 -6.02
C SER A 153 11.78 11.36 -7.47
N TYR A 154 11.72 10.07 -7.72
CA TYR A 154 11.45 9.51 -9.05
C TYR A 154 10.10 9.99 -9.54
N ALA A 155 9.09 9.92 -8.67
CA ALA A 155 7.75 10.27 -9.12
C ALA A 155 7.67 11.75 -9.36
N CYS A 156 8.22 12.51 -8.42
CA CYS A 156 8.11 13.97 -8.48
C CYS A 156 8.83 14.57 -9.69
N ARG A 157 9.89 13.92 -10.15
CA ARG A 157 10.53 14.32 -11.38
C ARG A 157 9.51 14.45 -12.52
N GLU A 158 8.63 13.46 -12.64
CA GLU A 158 7.61 13.51 -13.69
C GLU A 158 6.43 14.38 -13.30
N ILE A 159 6.03 14.40 -12.04
CA ILE A 159 4.98 15.32 -11.61
C ILE A 159 5.33 16.75 -11.98
N SER A 160 6.63 17.09 -11.85
CA SER A 160 7.16 18.41 -12.16
C SER A 160 7.01 18.75 -13.61
N GLU A 161 7.43 17.82 -14.47
CA GLU A 161 7.37 17.99 -15.91
C GLU A 161 5.90 17.96 -16.35
N ARG A 162 5.13 17.05 -15.79
CA ARG A 162 3.74 16.90 -16.21
C ARG A 162 2.82 18.04 -15.74
N TYR A 163 3.05 18.62 -14.56
CA TYR A 163 2.09 19.60 -14.00
C TYR A 163 2.64 21.00 -13.71
N PHE A 164 3.92 21.11 -13.39
CA PHE A 164 4.51 22.38 -13.02
C PHE A 164 5.38 23.05 -14.08
N ASP A 165 5.84 22.32 -15.08
CA ASP A 165 6.82 22.90 -16.02
C ASP A 165 6.32 24.14 -16.79
N PRO A 166 5.12 24.06 -17.37
CA PRO A 166 4.58 25.21 -18.10
C PRO A 166 4.74 26.50 -17.30
N ALA A 167 4.25 26.49 -16.07
CA ALA A 167 4.31 27.67 -15.25
C ALA A 167 5.72 27.95 -14.80
N PHE A 168 6.50 26.91 -14.60
CA PHE A 168 7.89 27.10 -14.11
C PHE A 168 8.77 27.73 -15.20
N TRP A 169 8.63 27.31 -16.46
CA TRP A 169 9.46 27.90 -17.52
C TRP A 169 8.92 29.26 -17.97
N ALA A 170 7.62 29.48 -17.85
CA ALA A 170 7.07 30.83 -18.01
C ALA A 170 7.81 31.77 -17.06
N ALA A 171 7.99 31.32 -15.83
CA ALA A 171 8.64 32.11 -14.81
C ALA A 171 10.11 32.24 -15.11
N VAL A 172 10.72 31.17 -15.58
CA VAL A 172 12.13 31.24 -15.92
C VAL A 172 12.36 32.23 -17.06
N ASP A 173 11.51 32.13 -18.09
CA ASP A 173 11.57 33.06 -19.24
C ASP A 173 11.42 34.53 -18.81
N GLY A 174 10.60 34.80 -17.79
CA GLY A 174 10.28 36.16 -17.38
C GLY A 174 11.13 36.65 -16.23
N LEU A 175 12.31 36.05 -16.05
CA LEU A 175 13.16 36.40 -14.91
C LEU A 175 13.60 37.86 -14.91
N GLY A 176 13.91 38.37 -16.09
CA GLY A 176 14.50 39.69 -16.21
C GLY A 176 16.02 39.64 -16.19
N TYR A 177 16.60 38.44 -16.24
CA TYR A 177 18.05 38.27 -16.17
C TYR A 177 18.47 36.84 -16.41
N THR A 178 19.77 36.66 -16.59
CA THR A 178 20.37 35.37 -16.86
C THR A 178 21.09 34.90 -15.58
N PRO A 179 20.61 33.80 -14.93
CA PRO A 179 21.23 33.36 -13.67
C PRO A 179 22.61 32.80 -13.85
N THR A 180 23.39 32.87 -12.79
CA THR A 180 24.74 32.32 -12.80
C THR A 180 24.88 31.19 -11.77
N THR A 181 24.19 31.31 -10.64
CA THR A 181 24.19 30.27 -9.63
C THR A 181 22.76 30.05 -9.14
N VAL A 182 22.26 28.83 -9.30
CA VAL A 182 20.93 28.50 -8.75
C VAL A 182 21.01 27.48 -7.63
N ALA A 183 20.22 27.74 -6.59
CA ALA A 183 20.03 26.82 -5.50
C ALA A 183 18.62 26.31 -5.62
N ASP A 184 18.44 25.00 -5.46
CA ASP A 184 17.11 24.40 -5.44
C ASP A 184 16.88 23.80 -4.05
N LEU A 185 15.84 24.28 -3.36
CA LEU A 185 15.48 23.71 -2.06
C LEU A 185 14.54 22.55 -2.23
N GLY A 186 14.89 21.43 -1.60
CA GLY A 186 14.09 20.20 -1.71
C GLY A 186 14.44 19.59 -3.05
N SER A 187 15.73 19.46 -3.33
CA SER A 187 16.21 19.15 -4.67
C SER A 187 15.67 17.88 -5.30
N GLY A 188 15.35 16.89 -4.47
CA GLY A 188 14.80 15.64 -5.00
C GLY A 188 15.73 14.91 -5.97
N SER A 189 15.18 14.56 -7.13
CA SER A 189 15.94 13.87 -8.20
C SER A 189 17.11 14.67 -8.77
N GLY A 190 17.10 15.98 -8.51
CA GLY A 190 18.13 16.89 -9.02
C GLY A 190 17.81 17.32 -10.44
N GLU A 191 16.64 16.96 -10.97
CA GLU A 191 16.37 17.17 -12.41
C GLU A 191 16.03 18.62 -12.79
N ARG A 192 15.58 19.37 -11.80
CA ARG A 192 15.21 20.75 -12.04
C ARG A 192 16.51 21.49 -12.29
N LEU A 193 17.51 21.24 -11.45
CA LEU A 193 18.85 21.85 -11.63
C LEU A 193 19.51 21.43 -12.93
N ILE A 194 19.31 20.17 -13.31
CA ILE A 194 19.89 19.68 -14.56
C ILE A 194 19.32 20.45 -15.74
N GLN A 195 17.99 20.54 -15.79
CA GLN A 195 17.27 21.23 -16.87
C GLN A 195 17.65 22.74 -16.93
N ILE A 196 17.89 23.34 -15.77
CA ILE A 196 18.30 24.73 -15.74
C ILE A 196 19.64 24.84 -16.45
N ALA A 197 20.49 23.85 -16.21
CA ALA A 197 21.86 23.87 -16.72
C ALA A 197 21.85 23.58 -18.19
N ARG A 198 20.85 22.88 -18.67
CA ARG A 198 20.80 22.62 -20.10
C ARG A 198 20.55 23.96 -20.79
N ARG A 199 19.62 24.72 -20.23
CA ARG A 199 19.20 25.99 -20.79
C ARG A 199 20.28 27.08 -20.65
N PHE A 200 21.01 27.08 -19.54
CA PHE A 200 22.06 28.05 -19.33
C PHE A 200 23.39 27.33 -19.18
N PRO A 201 24.09 27.02 -20.30
CA PRO A 201 25.32 26.22 -20.18
C PRO A 201 26.31 26.78 -19.14
N GLY A 202 26.39 28.08 -18.93
CA GLY A 202 27.20 28.59 -17.83
C GLY A 202 26.97 28.13 -16.37
N VAL A 203 25.71 27.94 -15.97
CA VAL A 203 25.32 28.00 -14.54
C VAL A 203 25.92 26.95 -13.62
N ARG A 204 26.23 27.37 -12.40
CA ARG A 204 26.51 26.48 -11.28
C ARG A 204 25.18 26.21 -10.51
N GLY A 205 25.04 24.99 -10.01
CA GLY A 205 23.80 24.55 -9.38
C GLY A 205 24.11 23.91 -8.04
N LEU A 206 23.27 24.18 -7.07
CA LEU A 206 23.40 23.61 -5.77
C LEU A 206 22.00 23.20 -5.29
N GLY A 207 21.88 21.96 -4.81
CA GLY A 207 20.58 21.46 -4.43
C GLY A 207 20.68 21.15 -2.97
N VAL A 208 19.64 21.47 -2.21
CA VAL A 208 19.59 21.12 -0.82
C VAL A 208 18.38 20.20 -0.60
N ASP A 209 18.61 19.05 0.01
CA ASP A 209 17.50 18.19 0.39
C ASP A 209 17.79 17.59 1.74
N ILE A 210 16.72 17.30 2.47
CA ILE A 210 16.83 16.81 3.82
C ILE A 210 16.98 15.29 3.83
N ALA A 211 16.70 14.64 2.71
CA ALA A 211 16.66 13.20 2.64
C ALA A 211 17.87 12.59 1.90
N ASP A 212 18.55 11.63 2.53
CA ASP A 212 19.71 10.93 1.93
C ASP A 212 19.40 10.24 0.60
N GLY A 213 18.22 9.63 0.53
CA GLY A 213 17.75 9.00 -0.71
C GLY A 213 17.62 9.94 -1.89
N ALA A 214 17.20 11.19 -1.61
CA ALA A 214 17.16 12.24 -2.64
C ALA A 214 18.57 12.63 -3.04
N ILE A 215 19.41 12.95 -2.07
CA ILE A 215 20.78 13.30 -2.37
C ILE A 215 21.45 12.23 -3.26
N ALA A 216 21.36 10.97 -2.85
CA ALA A 216 22.04 9.85 -3.52
C ALA A 216 21.58 9.75 -4.96
N MET A 217 20.27 9.83 -5.13
CA MET A 217 19.66 9.78 -6.46
C MET A 217 20.20 10.91 -7.35
N ALA A 218 20.22 12.10 -6.78
CA ALA A 218 20.55 13.27 -7.58
C ALA A 218 22.08 13.26 -7.92
N GLU A 219 22.92 12.80 -7.00
CA GLU A 219 24.35 12.62 -7.31
C GLU A 219 24.56 11.56 -8.42
N LYS A 220 23.77 10.49 -8.39
CA LYS A 220 23.82 9.51 -9.48
C LYS A 220 23.41 10.14 -10.83
N GLU A 221 22.25 10.80 -10.85
CA GLU A 221 21.73 11.43 -12.08
C GLU A 221 22.70 12.42 -12.67
N VAL A 222 23.20 13.36 -11.85
CA VAL A 222 24.09 14.41 -12.40
C VAL A 222 25.42 13.89 -12.93
N ALA A 223 26.00 12.87 -12.30
CA ALA A 223 27.25 12.28 -12.80
C ALA A 223 27.00 11.63 -14.17
N ALA A 224 25.97 10.81 -14.25
CA ALA A 224 25.56 10.12 -15.49
C ALA A 224 25.15 11.03 -16.64
N LYS A 225 24.61 12.22 -16.33
CA LYS A 225 24.20 13.14 -17.37
C LYS A 225 25.34 14.10 -17.77
N GLY A 226 26.46 14.03 -17.08
CA GLY A 226 27.65 14.83 -17.41
C GLY A 226 27.77 16.19 -16.72
N PHE A 227 26.90 16.48 -15.75
CA PHE A 227 26.87 17.76 -15.07
C PHE A 227 27.52 17.66 -13.69
N GLY A 228 28.48 16.75 -13.55
CA GLY A 228 29.04 16.43 -12.24
C GLY A 228 29.86 17.55 -11.66
N ASP A 229 30.43 18.38 -12.52
CA ASP A 229 31.34 19.44 -12.09
C ASP A 229 30.62 20.76 -11.99
N GLN A 230 29.37 20.82 -12.45
CA GLN A 230 28.58 22.04 -12.36
C GLN A 230 27.57 22.04 -11.22
N ILE A 231 27.00 20.88 -10.90
CA ILE A 231 25.96 20.76 -9.87
C ILE A 231 26.47 19.96 -8.67
N SER A 232 26.24 20.46 -7.47
CA SER A 232 26.52 19.65 -6.29
C SER A 232 25.32 19.70 -5.35
N PHE A 233 25.37 18.89 -4.29
CA PHE A 233 24.23 18.73 -3.39
C PHE A 233 24.65 18.64 -1.95
N VAL A 234 23.79 19.10 -1.05
CA VAL A 234 24.11 19.03 0.35
C VAL A 234 22.87 18.63 1.13
N ARG A 235 23.07 17.81 2.17
CA ARG A 235 21.99 17.30 3.01
C ARG A 235 21.65 18.38 4.00
N GLY A 236 20.38 18.79 4.06
CA GLY A 236 20.00 19.79 5.03
C GLY A 236 18.53 20.11 5.10
N ASP A 237 18.21 20.85 6.14
CA ASP A 237 16.84 21.20 6.43
C ASP A 237 16.62 22.68 6.08
N ALA A 238 16.04 22.95 4.92
CA ALA A 238 15.72 24.32 4.52
C ALA A 238 14.96 25.16 5.55
N ARG A 239 14.27 24.54 6.49
CA ARG A 239 13.56 25.27 7.53
C ARG A 239 14.53 26.02 8.49
N THR A 240 15.68 25.42 8.71
CA THR A 240 16.79 26.02 9.44
C THR A 240 17.92 26.21 8.46
N ILE A 241 17.58 26.78 7.31
CA ILE A 241 18.56 26.99 6.26
C ILE A 241 19.86 27.64 6.78
N ASP A 242 19.71 28.50 7.80
CA ASP A 242 20.81 29.30 8.37
C ASP A 242 21.89 28.51 9.05
N GLN A 243 21.58 27.25 9.38
CA GLN A 243 22.50 26.36 10.07
C GLN A 243 23.05 25.28 9.15
N VAL A 244 22.88 25.47 7.84
CA VAL A 244 23.26 24.48 6.83
C VAL A 244 24.71 24.73 6.40
N SER A 245 25.47 23.63 6.30
CA SER A 245 26.95 23.64 6.22
C SER A 245 27.54 24.46 5.08
N ALA A 246 27.26 24.06 3.83
CA ALA A 246 27.75 24.78 2.65
C ALA A 246 27.10 26.16 2.57
N ARG A 247 27.64 27.08 3.37
CA ARG A 247 27.13 28.43 3.52
C ARG A 247 27.87 29.37 2.56
N GLY A 248 29.17 29.10 2.35
CA GLY A 248 30.04 29.94 1.50
C GLY A 248 29.52 30.07 0.09
N GLU A 249 28.93 29.00 -0.42
CA GLU A 249 28.40 28.96 -1.78
C GLU A 249 27.05 29.69 -1.91
N PHE A 250 26.37 29.88 -0.78
CA PHE A 250 25.01 30.43 -0.83
C PHE A 250 25.01 31.87 -1.27
N ALA A 251 25.99 32.63 -0.83
CA ALA A 251 26.05 34.03 -1.19
C ALA A 251 26.25 34.26 -2.68
N GLU A 252 26.79 33.30 -3.41
CA GLU A 252 26.88 33.48 -4.86
C GLU A 252 25.53 33.35 -5.59
N VAL A 253 24.51 32.83 -4.91
CA VAL A 253 23.28 32.41 -5.59
C VAL A 253 22.42 33.59 -6.08
N ASP A 254 22.00 33.54 -7.35
CA ASP A 254 21.12 34.59 -7.90
C ASP A 254 19.70 34.12 -8.35
N LEU A 255 19.50 32.80 -8.39
CA LEU A 255 18.15 32.26 -8.55
C LEU A 255 17.87 31.22 -7.46
N LEU A 256 16.73 31.36 -6.80
CA LEU A 256 16.32 30.38 -5.83
C LEU A 256 15.06 29.70 -6.31
N THR A 257 14.99 28.38 -6.18
CA THR A 257 13.80 27.59 -6.52
C THR A 257 13.38 26.68 -5.38
N CYS A 258 12.11 26.31 -5.38
CA CYS A 258 11.50 25.51 -4.34
C CYS A 258 10.17 24.97 -4.85
N PHE A 259 10.12 23.66 -5.11
CA PHE A 259 8.93 23.07 -5.71
C PHE A 259 8.53 21.87 -4.89
N MET A 260 7.24 21.77 -4.58
CA MET A 260 6.63 20.62 -3.88
C MET A 260 6.99 20.38 -2.41
N MET A 261 7.57 21.39 -1.74
CA MET A 261 7.90 21.27 -0.31
C MET A 261 7.66 22.56 0.48
N GLY A 262 6.99 23.53 -0.12
CA GLY A 262 6.81 24.83 0.54
C GLY A 262 5.93 24.76 1.77
N HIS A 263 4.91 23.92 1.74
CA HIS A 263 4.10 23.57 2.92
C HIS A 263 4.95 23.07 4.09
N ASP A 264 6.09 22.48 3.82
CA ASP A 264 6.91 21.96 4.91
C ASP A 264 7.42 23.10 5.82
N PHE A 265 7.35 24.36 5.33
CA PHE A 265 7.80 25.54 6.07
C PHE A 265 6.76 25.99 7.08
N TRP A 266 5.53 25.54 6.89
CA TRP A 266 4.45 25.94 7.77
C TRP A 266 4.48 25.20 9.13
N PRO A 267 3.66 25.64 10.10
CA PRO A 267 2.57 26.66 10.09
C PRO A 267 3.02 28.13 9.84
N ARG A 268 2.08 29.06 9.90
CA ARG A 268 2.36 30.43 9.48
C ARG A 268 3.57 31.08 10.15
N GLU A 269 3.61 31.02 11.48
CA GLU A 269 4.70 31.60 12.28
C GLU A 269 6.08 31.07 11.80
N ASN A 270 6.14 29.77 11.58
CA ASN A 270 7.36 29.10 11.15
C ASN A 270 7.72 29.55 9.73
N CYS A 271 6.70 29.69 8.90
CA CYS A 271 6.91 30.07 7.50
C CYS A 271 7.51 31.47 7.43
N VAL A 272 7.07 32.32 8.34
CA VAL A 272 7.57 33.69 8.36
C VAL A 272 9.02 33.74 8.72
N GLN A 273 9.40 33.02 9.76
CA GLN A 273 10.81 32.99 10.19
C GLN A 273 11.72 32.36 9.10
N THR A 274 11.22 31.34 8.43
CA THR A 274 12.03 30.64 7.46
C THR A 274 12.21 31.51 6.22
N LEU A 275 11.14 32.20 5.87
CA LEU A 275 11.22 33.13 4.75
C LEU A 275 12.31 34.17 4.96
N ARG A 276 12.51 34.58 6.21
CA ARG A 276 13.51 35.56 6.56
C ARG A 276 14.92 34.95 6.56
N LYS A 277 15.05 33.75 7.13
CA LYS A 277 16.36 33.08 7.07
C LYS A 277 16.85 32.92 5.64
N LEU A 278 15.94 32.53 4.74
CA LEU A 278 16.26 32.41 3.33
C LEU A 278 16.70 33.73 2.72
N ARG A 279 15.98 34.80 3.03
CA ARG A 279 16.36 36.15 2.55
C ARG A 279 17.79 36.49 2.98
N ALA A 280 18.10 36.18 4.24
CA ALA A 280 19.40 36.46 4.82
C ALA A 280 20.47 35.48 4.33
N ALA A 281 20.09 34.19 4.09
CA ALA A 281 21.05 33.18 3.66
C ALA A 281 21.38 33.36 2.20
N PHE A 282 20.43 33.90 1.44
CA PHE A 282 20.61 34.20 -0.02
C PHE A 282 20.52 35.72 -0.37
N PRO A 283 21.53 36.49 0.04
CA PRO A 283 21.49 37.96 -0.15
C PRO A 283 21.48 38.41 -1.62
N ASN A 284 22.14 37.66 -2.50
CA ASN A 284 22.16 38.01 -3.93
C ASN A 284 21.15 37.27 -4.78
N VAL A 285 20.18 36.63 -4.13
CA VAL A 285 19.07 36.06 -4.89
C VAL A 285 18.18 37.21 -5.38
N ARG A 286 17.96 37.26 -6.69
CA ARG A 286 17.08 38.23 -7.31
C ARG A 286 15.67 37.64 -7.31
N ARG A 287 15.42 36.59 -8.08
CA ARG A 287 14.15 35.88 -8.00
C ARG A 287 14.17 34.53 -7.21
N PHE A 288 13.02 34.23 -6.64
CA PHE A 288 12.78 33.05 -5.86
C PHE A 288 11.51 32.46 -6.43
N LEU A 289 11.61 31.37 -7.18
CA LEU A 289 10.42 30.76 -7.72
C LEU A 289 9.93 29.67 -6.78
N LEU A 290 8.64 29.74 -6.44
CA LEU A 290 8.06 28.87 -5.43
C LEU A 290 6.87 28.19 -6.01
N GLY A 291 6.86 26.88 -6.02
CA GLY A 291 5.78 26.12 -6.61
C GLY A 291 5.23 25.05 -5.68
N ASP A 292 3.91 24.89 -5.65
CA ASP A 292 3.33 23.93 -4.74
C ASP A 292 1.86 23.68 -5.00
N ALA A 293 1.37 22.63 -4.34
CA ALA A 293 -0.02 22.28 -4.28
C ALA A 293 -0.51 22.82 -2.93
N THR A 294 -1.80 23.11 -2.87
CA THR A 294 -2.42 23.77 -1.72
C THR A 294 -3.67 22.98 -1.28
N ARG A 295 -4.16 23.27 -0.07
CA ARG A 295 -5.32 22.55 0.47
C ARG A 295 -6.60 23.10 -0.15
N THR A 296 -7.42 22.21 -0.70
CA THR A 296 -8.68 22.60 -1.29
C THR A 296 -9.75 22.74 -0.22
N VAL A 297 -10.90 23.24 -0.63
CA VAL A 297 -12.04 23.49 0.26
C VAL A 297 -13.32 23.23 -0.54
N GLY A 298 -14.20 22.41 0.04
CA GLY A 298 -15.57 22.27 -0.43
C GLY A 298 -15.85 21.29 -1.56
N ILE A 299 -14.82 20.56 -2.02
CA ILE A 299 -15.00 19.52 -3.06
C ILE A 299 -15.86 18.39 -2.48
N PRO A 300 -17.00 18.07 -3.11
CA PRO A 300 -17.76 16.92 -2.55
C PRO A 300 -16.97 15.61 -2.58
N ASP A 301 -17.05 14.84 -1.50
CA ASP A 301 -16.30 13.57 -1.36
C ASP A 301 -16.29 12.60 -2.58
N ARG A 302 -17.43 12.42 -3.24
CA ARG A 302 -17.54 11.57 -4.45
C ARG A 302 -17.06 12.25 -5.72
N GLU A 303 -16.71 13.53 -5.64
CA GLU A 303 -16.23 14.28 -6.80
C GLU A 303 -14.80 14.73 -6.60
N LEU A 304 -14.05 14.04 -5.73
CA LEU A 304 -12.63 14.36 -5.55
C LEU A 304 -11.80 13.89 -6.73
N PRO A 305 -10.98 14.78 -7.27
CA PRO A 305 -10.18 14.33 -8.39
C PRO A 305 -8.93 13.60 -7.93
N VAL A 306 -8.15 13.17 -8.90
CA VAL A 306 -6.92 12.47 -8.62
C VAL A 306 -6.00 13.33 -7.78
N PHE A 307 -5.23 12.68 -6.93
CA PHE A 307 -4.17 13.28 -6.08
C PHE A 307 -4.58 13.99 -4.79
N THR A 308 -5.53 14.91 -4.89
CA THR A 308 -5.99 15.76 -3.75
C THR A 308 -6.15 15.04 -2.41
N LEU A 309 -7.01 14.02 -2.39
CA LEU A 309 -7.23 13.22 -1.18
C LEU A 309 -5.92 12.65 -0.68
N GLY A 310 -5.14 12.12 -1.58
CA GLY A 310 -3.87 11.55 -1.19
C GLY A 310 -2.96 12.58 -0.60
N PHE A 311 -2.94 13.75 -1.19
CA PHE A 311 -2.05 14.81 -0.76
C PHE A 311 -2.45 15.34 0.61
N GLU A 312 -3.75 15.60 0.80
CA GLU A 312 -4.27 16.19 2.06
C GLU A 312 -4.25 15.17 3.20
N PHE A 313 -4.87 14.01 2.99
CA PHE A 313 -4.86 12.90 3.99
C PHE A 313 -3.43 12.48 4.36
N GLY A 314 -2.56 12.33 3.39
CA GLY A 314 -1.18 11.97 3.74
C GLY A 314 -0.42 13.01 4.56
N HIS A 315 -0.57 14.29 4.23
CA HIS A 315 0.14 15.33 5.01
C HIS A 315 -0.50 15.44 6.39
N ASP A 316 -1.81 15.37 6.47
CA ASP A 316 -2.47 15.29 7.78
C ASP A 316 -1.99 14.12 8.66
N MET A 317 -1.79 12.94 8.08
CA MET A 317 -1.23 11.82 8.84
C MET A 317 0.20 12.15 9.24
N MET A 318 0.96 12.74 8.35
CA MET A 318 2.33 13.14 8.66
C MET A 318 2.43 14.33 9.67
N GLY A 319 1.31 15.00 9.95
CA GLY A 319 1.31 16.11 10.86
C GLY A 319 1.88 17.35 10.23
N VAL A 320 1.86 17.46 8.90
CA VAL A 320 2.47 18.57 8.21
C VAL A 320 1.37 19.53 7.83
N TYR A 321 1.54 20.82 8.12
CA TYR A 321 0.50 21.81 7.80
C TYR A 321 0.36 21.99 6.25
N LEU A 322 -0.84 22.22 5.78
CA LEU A 322 -1.00 22.55 4.38
C LEU A 322 -1.75 23.84 4.27
N PRO A 323 -1.10 24.92 3.82
CA PRO A 323 -1.82 26.18 3.67
C PRO A 323 -2.75 26.14 2.47
N THR A 324 -3.83 26.92 2.54
CA THR A 324 -4.68 27.21 1.38
C THR A 324 -3.91 28.17 0.52
N LEU A 325 -4.47 28.53 -0.62
CA LEU A 325 -3.84 29.51 -1.48
C LEU A 325 -3.80 30.90 -0.83
N ASP A 326 -4.91 31.30 -0.22
CA ASP A 326 -4.98 32.62 0.42
C ASP A 326 -3.97 32.74 1.50
N GLU A 327 -3.72 31.64 2.21
CA GLU A 327 -2.76 31.65 3.32
C GLU A 327 -1.40 32.00 2.80
N TRP A 328 -1.07 31.56 1.59
CA TRP A 328 0.22 31.94 1.07
C TRP A 328 0.31 33.44 0.81
N ASP A 329 -0.79 34.05 0.34
CA ASP A 329 -0.79 35.48 -0.01
C ASP A 329 -0.35 36.36 1.19
N GLY A 330 -0.99 36.21 2.33
CA GLY A 330 -0.58 36.93 3.55
C GLY A 330 0.93 36.96 3.76
N VAL A 331 1.57 35.79 3.70
CA VAL A 331 2.86 35.58 4.35
C VAL A 331 4.11 36.20 3.73
N PHE A 332 4.10 36.47 2.45
CA PHE A 332 5.36 36.80 1.80
C PHE A 332 6.02 38.11 2.30
N GLU A 333 5.22 39.17 2.37
CA GLU A 333 5.71 40.46 2.84
C GLU A 333 6.24 40.39 4.26
N GLU A 334 5.56 39.63 5.10
CA GLU A 334 6.00 39.48 6.46
C GLU A 334 7.32 38.69 6.53
N GLY A 335 7.51 37.79 5.57
CA GLY A 335 8.75 37.01 5.48
C GLY A 335 9.90 37.68 4.73
N GLY A 336 9.74 38.97 4.38
CA GLY A 336 10.77 39.72 3.67
C GLY A 336 10.75 39.65 2.15
N TRP A 337 9.66 39.20 1.54
CA TRP A 337 9.61 39.08 0.07
C TRP A 337 8.34 39.67 -0.50
N ARG A 338 8.43 39.94 -1.79
CA ARG A 338 7.39 40.61 -2.50
C ARG A 338 7.02 39.73 -3.71
N CYS A 339 5.73 39.53 -3.88
CA CYS A 339 5.24 38.65 -4.87
C CYS A 339 4.98 39.45 -6.10
N VAL A 340 5.56 39.03 -7.20
CA VAL A 340 5.52 39.78 -8.44
C VAL A 340 4.57 39.19 -9.46
N LYS A 341 4.42 37.88 -9.45
CA LYS A 341 3.62 37.18 -10.43
C LYS A 341 3.15 35.89 -9.81
N LYS A 342 1.94 35.47 -10.18
CA LYS A 342 1.31 34.31 -9.62
C LYS A 342 0.63 33.52 -10.71
N HIS A 343 0.95 32.22 -10.84
CA HIS A 343 0.33 31.39 -11.89
C HIS A 343 -0.59 30.37 -11.28
N ALA A 344 -1.80 30.28 -11.81
CA ALA A 344 -2.72 29.25 -11.40
C ALA A 344 -2.35 27.96 -12.15
N ILE A 345 -2.54 26.80 -11.50
CA ILE A 345 -2.27 25.45 -12.06
C ILE A 345 -3.43 24.60 -11.63
N ASP A 346 -4.44 24.51 -12.49
CA ASP A 346 -5.65 23.75 -12.16
C ASP A 346 -5.56 22.31 -12.66
N SER A 347 -4.39 21.92 -13.19
CA SER A 347 -4.20 20.58 -13.67
C SER A 347 -3.85 19.60 -12.54
N LEU A 348 -3.55 20.11 -11.34
CA LEU A 348 -3.17 19.25 -10.19
C LEU A 348 -3.74 19.83 -8.90
N SER A 349 -4.86 19.27 -8.44
CA SER A 349 -5.54 19.81 -7.26
C SER A 349 -5.70 21.32 -7.49
N VAL A 350 -5.41 22.11 -6.48
CA VAL A 350 -5.15 23.50 -6.69
C VAL A 350 -3.64 23.73 -6.41
N SER A 351 -2.89 24.03 -7.45
CA SER A 351 -1.49 24.28 -7.31
C SER A 351 -1.16 25.70 -7.83
N VAL A 352 0.09 26.12 -7.68
CA VAL A 352 0.45 27.51 -7.93
C VAL A 352 1.96 27.65 -8.13
N VAL A 353 2.36 28.67 -8.87
CA VAL A 353 3.76 29.10 -8.86
C VAL A 353 3.80 30.58 -8.52
N PHE A 354 4.58 30.94 -7.53
CA PHE A 354 4.75 32.33 -7.18
C PHE A 354 6.10 32.82 -7.69
N GLU A 355 6.15 34.03 -8.24
CA GLU A 355 7.43 34.67 -8.52
C GLU A 355 7.66 35.70 -7.41
N LEU A 356 8.68 35.48 -6.59
CA LEU A 356 9.02 36.34 -5.49
C LEU A 356 10.32 37.10 -5.69
N GLU A 357 10.46 38.18 -4.93
CA GLU A 357 11.58 39.12 -5.09
C GLU A 357 11.95 39.87 -3.82
N SER B 26 -15.25 8.33 -23.43
CA SER B 26 -15.46 9.80 -23.10
C SER B 26 -14.43 10.29 -22.09
N GLU B 27 -13.69 11.33 -22.46
CA GLU B 27 -12.61 11.88 -21.60
C GLU B 27 -13.05 12.10 -20.15
N ALA B 28 -14.25 12.63 -19.93
CA ALA B 28 -14.75 12.80 -18.57
C ALA B 28 -15.04 11.50 -17.83
N GLN B 29 -15.59 10.49 -18.51
CA GLN B 29 -15.80 9.19 -17.85
C GLN B 29 -14.43 8.61 -17.49
N ALA B 30 -13.46 8.72 -18.39
CA ALA B 30 -12.12 8.24 -18.11
C ALA B 30 -11.56 8.96 -16.89
N ARG B 31 -11.72 10.27 -16.82
CA ARG B 31 -11.16 11.02 -15.69
C ARG B 31 -11.77 10.61 -14.33
N ARG B 32 -13.08 10.42 -14.32
CA ARG B 32 -13.79 10.02 -13.12
C ARG B 32 -13.38 8.61 -12.69
N ALA B 33 -13.14 7.73 -13.65
CA ALA B 33 -12.73 6.36 -13.36
C ALA B 33 -11.35 6.31 -12.70
N VAL B 34 -10.43 7.10 -13.24
CA VAL B 34 -9.06 7.09 -12.79
C VAL B 34 -8.97 7.78 -11.45
N ALA B 35 -9.69 8.87 -11.26
CA ALA B 35 -9.77 9.46 -9.97
C ALA B 35 -10.27 8.43 -8.96
N ASP B 36 -11.32 7.70 -9.31
CA ASP B 36 -11.89 6.66 -8.43
C ASP B 36 -10.87 5.55 -8.14
N ILE B 37 -10.03 5.23 -9.12
CA ILE B 37 -9.01 4.25 -8.87
C ILE B 37 -8.03 4.75 -7.83
N PHE B 38 -7.68 6.01 -7.91
CA PHE B 38 -6.71 6.62 -6.98
C PHE B 38 -7.26 6.58 -5.56
N ASN B 39 -8.46 7.07 -5.39
CA ASN B 39 -9.13 7.17 -4.09
C ASN B 39 -9.49 5.85 -3.47
N SER B 40 -9.95 4.92 -4.29
CA SER B 40 -10.14 3.55 -3.85
C SER B 40 -8.88 3.05 -3.10
N THR B 41 -7.68 3.47 -3.49
CA THR B 41 -6.44 3.03 -2.79
C THR B 41 -6.49 3.48 -1.33
N LEU B 42 -6.90 4.72 -1.12
CA LEU B 42 -6.97 5.27 0.23
C LEU B 42 -8.17 4.72 1.00
N ALA B 43 -9.27 4.49 0.32
CA ALA B 43 -10.40 3.87 0.94
C ALA B 43 -10.03 2.45 1.38
N SER B 44 -9.37 1.71 0.51
CA SER B 44 -9.03 0.31 0.74
C SER B 44 -8.16 0.20 1.98
N SER B 45 -7.09 1.00 2.03
CA SER B 45 -6.23 1.08 3.20
C SER B 45 -7.00 1.50 4.47
N ALA B 46 -7.92 2.45 4.33
CA ALA B 46 -8.79 2.92 5.42
C ALA B 46 -9.76 1.88 6.03
N ILE B 47 -10.28 0.98 5.21
CA ILE B 47 -11.24 -0.02 5.69
C ILE B 47 -10.60 -0.85 6.77
N GLY B 48 -9.44 -1.37 6.52
CA GLY B 48 -8.80 -2.21 7.49
C GLY B 48 -8.44 -1.41 8.72
N ALA B 49 -7.99 -0.19 8.51
CA ALA B 49 -7.61 0.67 9.59
C ALA B 49 -8.81 1.01 10.43
N ALA B 50 -9.93 1.35 9.80
CA ALA B 50 -11.14 1.73 10.54
C ALA B 50 -11.71 0.54 11.35
N TRP B 51 -11.46 -0.66 10.86
CA TRP B 51 -11.85 -1.89 11.59
C TRP B 51 -11.00 -2.01 12.83
N GLU B 52 -9.70 -2.06 12.62
CA GLU B 52 -8.75 -2.20 13.73
C GLU B 52 -8.98 -1.15 14.82
N LEU B 53 -9.31 0.08 14.45
CA LEU B 53 -9.39 1.19 15.40
C LEU B 53 -10.75 1.36 16.07
N GLY B 54 -11.78 0.71 15.51
CA GLY B 54 -13.10 0.57 16.15
C GLY B 54 -14.23 1.31 15.45
N ALA B 55 -13.93 1.94 14.32
CA ALA B 55 -14.88 2.81 13.70
C ALA B 55 -15.97 2.03 13.01
N LEU B 56 -15.61 0.93 12.36
CA LEU B 56 -16.59 0.17 11.58
C LEU B 56 -17.61 -0.44 12.53
N ASP B 57 -17.14 -0.89 13.69
CA ASP B 57 -18.04 -1.41 14.74
C ASP B 57 -19.00 -0.33 15.29
N GLU B 58 -18.50 0.86 15.62
CA GLU B 58 -19.40 1.95 15.97
C GLU B 58 -20.48 2.16 14.93
N LEU B 59 -20.14 2.08 13.65
CA LEU B 59 -21.11 2.48 12.66
C LEU B 59 -22.12 1.41 12.45
N ARG B 60 -21.72 0.16 12.59
CA ARG B 60 -22.67 -0.91 12.41
C ARG B 60 -23.66 -0.88 13.54
N GLU B 61 -23.19 -0.57 14.73
CA GLU B 61 -24.05 -0.52 15.91
C GLU B 61 -25.01 0.65 15.81
N ASN B 62 -24.47 1.86 15.79
CA ASN B 62 -25.28 3.10 15.89
C ASN B 62 -25.64 3.78 14.59
N GLY B 63 -25.22 3.21 13.46
CA GLY B 63 -25.54 3.75 12.13
C GLY B 63 -24.82 5.05 11.76
N LYS B 64 -24.04 5.57 12.70
CA LYS B 64 -23.46 6.90 12.58
C LYS B 64 -22.53 7.17 13.73
N LEU B 65 -21.72 8.22 13.59
CA LEU B 65 -20.85 8.68 14.69
C LEU B 65 -20.39 10.13 14.52
N ASP B 66 -19.89 10.71 15.60
CA ASP B 66 -19.41 12.08 15.61
C ASP B 66 -17.90 12.04 15.52
N VAL B 67 -17.33 12.56 14.44
CA VAL B 67 -15.92 12.30 14.18
C VAL B 67 -15.04 12.87 15.26
N SER B 68 -15.36 14.05 15.75
CA SER B 68 -14.52 14.65 16.79
C SER B 68 -14.52 13.80 18.06
N ASP B 69 -15.73 13.48 18.47
CA ASP B 69 -15.98 12.61 19.63
C ASP B 69 -15.19 11.28 19.58
N PHE B 70 -15.28 10.63 18.41
CA PHE B 70 -14.56 9.40 18.14
C PHE B 70 -13.08 9.66 18.28
N ALA B 71 -12.60 10.72 17.65
CA ALA B 71 -11.18 11.03 17.71
C ALA B 71 -10.73 11.22 19.15
N VAL B 72 -11.49 11.98 19.93
CA VAL B 72 -11.14 12.19 21.36
C VAL B 72 -11.27 10.93 22.20
N ARG B 73 -12.31 10.13 21.93
CA ARG B 73 -12.55 8.88 22.67
C ARG B 73 -11.39 7.94 22.54
N HIS B 74 -10.89 7.78 21.32
CA HIS B 74 -9.80 6.85 21.13
C HIS B 74 -8.46 7.53 21.08
N ASP B 75 -8.40 8.80 21.50
CA ASP B 75 -7.12 9.56 21.54
C ASP B 75 -6.36 9.50 20.19
N LEU B 76 -7.06 9.92 19.14
CA LEU B 76 -6.53 9.95 17.80
C LEU B 76 -6.35 11.36 17.31
N HIS B 77 -5.40 11.53 16.41
CA HIS B 77 -5.12 12.79 15.73
C HIS B 77 -6.26 13.19 14.83
N GLU B 78 -7.04 14.19 15.22
CA GLU B 78 -8.31 14.42 14.58
C GLU B 78 -8.27 14.66 13.05
N PRO B 79 -7.29 15.46 12.59
CA PRO B 79 -7.24 15.70 11.12
C PRO B 79 -7.00 14.42 10.28
N ALA B 80 -6.16 13.54 10.78
CA ALA B 80 -5.96 12.24 10.13
C ALA B 80 -7.25 11.39 10.14
N VAL B 81 -7.98 11.44 11.25
CA VAL B 81 -9.25 10.76 11.33
C VAL B 81 -10.21 11.25 10.28
N VAL B 82 -10.31 12.58 10.15
CA VAL B 82 -11.22 13.21 9.18
C VAL B 82 -10.91 12.67 7.77
N GLY B 83 -9.62 12.57 7.49
CA GLY B 83 -9.13 12.07 6.21
C GLY B 83 -9.56 10.64 5.96
N MET B 84 -9.36 9.78 6.98
CA MET B 84 -9.71 8.38 6.94
C MET B 84 -11.14 8.29 6.55
N PHE B 85 -11.99 9.07 7.22
CA PHE B 85 -13.43 8.97 6.92
C PHE B 85 -13.78 9.53 5.56
N THR B 86 -13.02 10.53 5.11
CA THR B 86 -13.25 11.17 3.80
C THR B 86 -12.84 10.18 2.72
N ALA B 87 -11.79 9.41 2.99
CA ALA B 87 -11.36 8.37 2.05
C ALA B 87 -12.44 7.34 1.89
N LEU B 88 -13.02 6.91 3.03
CA LEU B 88 -14.17 5.99 3.01
C LEU B 88 -15.38 6.61 2.25
N ALA B 89 -15.64 7.90 2.49
CA ALA B 89 -16.76 8.56 1.83
C ALA B 89 -16.60 8.62 0.31
N SER B 90 -15.37 8.85 -0.13
CA SER B 90 -15.05 9.05 -1.53
C SER B 90 -15.52 7.95 -2.45
N VAL B 91 -15.69 6.74 -1.93
CA VAL B 91 -16.12 5.62 -2.75
C VAL B 91 -17.48 5.07 -2.31
N GLY B 92 -18.13 5.72 -1.35
CA GLY B 92 -19.49 5.35 -0.96
C GLY B 92 -19.65 4.50 0.28
N ILE B 93 -18.58 4.29 1.03
CA ILE B 93 -18.66 3.39 2.16
C ILE B 93 -19.36 4.11 3.28
N VAL B 94 -19.11 5.41 3.32
CA VAL B 94 -19.58 6.26 4.36
C VAL B 94 -20.08 7.52 3.67
N ARG B 95 -20.77 8.37 4.44
CA ARG B 95 -21.26 9.65 3.93
C ARG B 95 -21.08 10.62 5.06
N ARG B 96 -20.49 11.77 4.77
CA ARG B 96 -20.26 12.77 5.79
C ARG B 96 -21.33 13.86 5.69
N GLU B 97 -21.91 14.23 6.82
CA GLU B 97 -22.75 15.42 6.90
C GLU B 97 -22.39 16.12 8.20
N GLY B 98 -21.67 17.23 8.10
CA GLY B 98 -21.30 18.00 9.30
C GLY B 98 -20.06 17.45 9.95
N ALA B 99 -20.13 17.17 11.26
CA ALA B 99 -19.10 16.37 11.94
C ALA B 99 -19.61 14.94 12.13
N THR B 100 -20.68 14.59 11.42
CA THR B 100 -21.31 13.28 11.51
C THR B 100 -20.82 12.43 10.34
N VAL B 101 -20.54 11.17 10.64
CA VAL B 101 -20.33 10.15 9.64
C VAL B 101 -21.48 9.19 9.69
N VAL B 102 -22.02 8.91 8.53
CA VAL B 102 -23.22 8.14 8.38
C VAL B 102 -22.82 6.91 7.57
N VAL B 103 -23.45 5.80 7.90
CA VAL B 103 -23.37 4.62 7.10
C VAL B 103 -23.73 4.98 5.66
N GLY B 104 -22.89 4.58 4.69
CA GLY B 104 -23.12 4.78 3.26
C GLY B 104 -23.72 3.52 2.62
N PRO B 105 -24.00 3.56 1.31
CA PRO B 105 -24.64 2.44 0.61
C PRO B 105 -23.80 1.18 0.51
N TYR B 106 -22.49 1.33 0.56
CA TYR B 106 -21.62 0.15 0.44
C TYR B 106 -21.08 -0.24 1.78
N PHE B 107 -21.57 0.39 2.84
CA PHE B 107 -21.07 0.07 4.16
C PHE B 107 -21.17 -1.42 4.46
N ASP B 108 -22.35 -2.00 4.34
CA ASP B 108 -22.55 -3.41 4.73
C ASP B 108 -21.66 -4.42 4.01
N GLU B 109 -21.50 -4.27 2.70
CA GLU B 109 -20.53 -5.07 1.93
C GLU B 109 -19.08 -4.90 2.42
N ALA B 110 -18.59 -3.66 2.44
CA ALA B 110 -17.19 -3.39 2.84
C ALA B 110 -16.92 -3.88 4.25
N ASN B 111 -17.88 -3.65 5.15
CA ASN B 111 -17.68 -4.06 6.54
C ASN B 111 -17.59 -5.57 6.68
N HIS B 112 -18.45 -6.28 5.97
CA HIS B 112 -18.48 -7.73 5.91
C HIS B 112 -17.11 -8.29 5.50
N HIS B 113 -16.56 -7.67 4.46
CA HIS B 113 -15.28 -8.04 3.86
C HIS B 113 -14.02 -7.31 4.40
N ARG B 114 -14.12 -6.67 5.54
CA ARG B 114 -13.05 -5.80 5.99
C ARG B 114 -11.73 -6.51 6.29
N SER B 115 -11.83 -7.75 6.75
CA SER B 115 -10.61 -8.51 7.04
C SER B 115 -9.81 -8.80 5.78
N LEU B 116 -10.47 -8.79 4.63
CA LEU B 116 -9.79 -9.00 3.35
C LEU B 116 -9.01 -7.78 2.95
N PHE B 117 -9.62 -6.59 3.14
CA PHE B 117 -8.92 -5.33 2.91
C PHE B 117 -7.75 -5.18 3.84
N HIS B 118 -7.91 -5.60 5.08
CA HIS B 118 -6.82 -5.52 6.04
C HIS B 118 -5.64 -6.41 5.60
N TRP B 119 -5.95 -7.60 5.10
CA TRP B 119 -4.91 -8.52 4.72
C TRP B 119 -4.14 -7.96 3.54
N LEU B 120 -4.87 -7.29 2.65
CA LEU B 120 -4.27 -6.71 1.44
C LEU B 120 -3.34 -5.55 1.79
N ASN B 121 -3.77 -4.73 2.74
CA ASN B 121 -3.12 -3.44 3.04
C ASN B 121 -2.24 -3.52 4.24
N GLN B 122 -2.85 -3.56 5.43
CA GLN B 122 -2.08 -3.66 6.66
C GLN B 122 -1.21 -4.91 6.63
N GLY B 123 -1.72 -6.04 6.16
CA GLY B 123 -0.90 -7.27 6.15
C GLY B 123 0.15 -7.36 5.04
N SER B 124 -0.31 -7.21 3.79
CA SER B 124 0.50 -7.58 2.62
C SER B 124 0.87 -6.37 1.81
N GLY B 125 0.65 -5.19 2.37
CA GLY B 125 0.84 -3.95 1.66
C GLY B 125 2.26 -3.67 1.18
N GLU B 126 3.28 -4.00 1.99
CA GLU B 126 4.66 -3.80 1.57
C GLU B 126 5.07 -4.67 0.36
N LEU B 127 4.39 -5.79 0.16
CA LEU B 127 4.71 -6.68 -0.99
C LEU B 127 4.29 -5.99 -2.27
N PHE B 128 3.06 -5.54 -2.33
CA PHE B 128 2.58 -4.86 -3.51
C PHE B 128 3.26 -3.51 -3.73
N ARG B 129 3.56 -2.78 -2.67
CA ARG B 129 4.31 -1.52 -2.82
C ARG B 129 5.59 -1.75 -3.69
N ARG B 130 6.35 -2.78 -3.37
CA ARG B 130 7.64 -3.05 -3.99
C ARG B 130 7.57 -3.84 -5.29
N MET B 131 6.41 -3.88 -5.92
CA MET B 131 6.28 -4.51 -7.23
C MET B 131 7.51 -4.35 -8.14
N PRO B 132 7.97 -3.11 -8.41
CA PRO B 132 9.11 -2.98 -9.34
C PRO B 132 10.45 -3.55 -8.89
N GLN B 133 10.61 -3.85 -7.60
CA GLN B 133 11.80 -4.52 -7.13
C GLN B 133 11.56 -6.03 -6.97
N VAL B 134 10.30 -6.44 -6.90
CA VAL B 134 9.97 -7.83 -6.66
C VAL B 134 9.87 -8.61 -7.98
N LEU B 135 9.40 -7.98 -9.06
CA LEU B 135 9.33 -8.67 -10.34
C LEU B 135 10.68 -9.03 -10.98
N PRO B 136 11.73 -8.19 -10.87
CA PRO B 136 12.95 -8.56 -11.64
C PRO B 136 13.56 -9.83 -11.14
N ASN B 137 13.90 -10.78 -12.03
CA ASN B 137 14.41 -12.10 -11.58
C ASN B 137 15.65 -12.01 -10.72
N GLU B 138 16.48 -11.02 -11.00
CA GLU B 138 17.78 -10.95 -10.36
C GLU B 138 17.64 -10.58 -8.88
N ASN B 139 16.48 -10.04 -8.48
CA ASN B 139 16.24 -9.73 -7.07
C ASN B 139 15.56 -10.86 -6.33
N ARG B 140 15.02 -11.84 -7.05
CA ARG B 140 14.23 -12.91 -6.45
C ARG B 140 15.15 -13.98 -5.85
N THR B 141 15.79 -13.58 -4.76
CA THR B 141 16.86 -14.33 -4.10
C THR B 141 16.74 -14.01 -2.62
N GLY B 142 17.02 -15.00 -1.78
CA GLY B 142 16.94 -14.81 -0.34
C GLY B 142 15.62 -14.19 0.07
N LYS B 143 15.66 -13.20 0.95
CA LYS B 143 14.46 -12.52 1.41
C LYS B 143 14.22 -11.23 0.60
N PHE B 144 13.51 -11.39 -0.52
CA PHE B 144 13.27 -10.32 -1.52
C PHE B 144 11.90 -9.62 -1.39
N TYR B 145 11.10 -10.03 -0.41
CA TYR B 145 9.89 -9.30 -0.01
C TYR B 145 9.67 -9.44 1.50
N GLN B 146 8.73 -8.64 2.00
CA GLN B 146 8.44 -8.52 3.42
C GLN B 146 6.97 -8.26 3.61
N ARG B 147 6.34 -8.95 4.54
CA ARG B 147 4.97 -8.62 4.96
C ARG B 147 4.94 -8.58 6.47
N ASP B 148 3.79 -8.18 7.03
CA ASP B 148 3.63 -8.03 8.45
C ASP B 148 2.81 -9.25 8.93
N ALA B 149 3.50 -10.21 9.54
CA ALA B 149 2.90 -11.46 9.99
C ALA B 149 1.89 -11.24 11.14
N GLY B 150 2.23 -10.34 12.05
CA GLY B 150 1.27 -9.95 13.06
C GLY B 150 -0.03 -9.46 12.46
N ALA B 151 0.02 -8.64 11.40
CA ALA B 151 -1.25 -8.15 10.85
C ALA B 151 -1.99 -9.23 10.09
N ILE B 152 -1.26 -10.03 9.33
CA ILE B 152 -1.89 -11.17 8.64
C ILE B 152 -2.63 -12.08 9.65
N SER B 153 -2.04 -12.31 10.80
CA SER B 153 -2.66 -13.11 11.80
C SER B 153 -3.98 -12.49 12.30
N TYR B 154 -3.97 -11.18 12.50
CA TYR B 154 -5.15 -10.42 12.95
C TYR B 154 -6.25 -10.49 11.91
N ALA B 155 -5.94 -10.22 10.64
CA ALA B 155 -6.92 -10.36 9.57
C ALA B 155 -7.46 -11.79 9.41
N CYS B 156 -6.55 -12.76 9.40
CA CYS B 156 -6.89 -14.13 9.11
C CYS B 156 -7.73 -14.73 10.22
N ARG B 157 -7.54 -14.26 11.43
CA ARG B 157 -8.48 -14.56 12.48
C ARG B 157 -9.90 -14.26 12.11
N GLU B 158 -10.21 -13.10 11.53
CA GLU B 158 -11.62 -12.84 11.09
C GLU B 158 -11.94 -13.52 9.73
N ILE B 159 -10.95 -13.66 8.86
CA ILE B 159 -11.22 -14.34 7.62
C ILE B 159 -11.71 -15.74 7.94
N SER B 160 -11.08 -16.39 8.93
CA SER B 160 -11.47 -17.73 9.36
C SER B 160 -12.93 -17.78 9.79
N GLU B 161 -13.32 -16.85 10.63
CA GLU B 161 -14.64 -16.80 11.19
C GLU B 161 -15.70 -16.51 10.15
N ARG B 162 -15.45 -15.51 9.31
CA ARG B 162 -16.42 -15.02 8.37
C ARG B 162 -16.62 -15.98 7.19
N TYR B 163 -15.52 -16.59 6.72
CA TYR B 163 -15.57 -17.44 5.51
C TYR B 163 -15.45 -18.98 5.75
N PHE B 164 -14.48 -19.41 6.56
CA PHE B 164 -14.18 -20.84 6.76
C PHE B 164 -14.97 -21.56 7.86
N ASP B 165 -15.57 -20.83 8.79
CA ASP B 165 -16.09 -21.45 9.99
C ASP B 165 -17.28 -22.39 9.78
N PRO B 166 -18.26 -22.01 8.97
CA PRO B 166 -19.38 -22.96 8.85
C PRO B 166 -18.91 -24.34 8.38
N ALA B 167 -18.01 -24.38 7.39
CA ALA B 167 -17.46 -25.66 6.93
C ALA B 167 -16.53 -26.32 7.98
N PHE B 168 -15.79 -25.52 8.73
CA PHE B 168 -14.84 -26.03 9.74
C PHE B 168 -15.58 -26.68 10.88
N TRP B 169 -16.59 -26.02 11.39
CA TRP B 169 -17.36 -26.59 12.47
C TRP B 169 -18.16 -27.80 12.02
N ALA B 170 -18.69 -27.79 10.82
CA ALA B 170 -19.36 -28.96 10.28
C ALA B 170 -18.45 -30.20 10.33
N ALA B 171 -17.19 -30.01 9.92
CA ALA B 171 -16.18 -31.04 9.96
C ALA B 171 -15.86 -31.45 11.38
N VAL B 172 -15.96 -30.51 12.31
CA VAL B 172 -15.67 -30.81 13.70
C VAL B 172 -16.82 -31.60 14.28
N ASP B 173 -18.04 -31.14 14.01
CA ASP B 173 -19.24 -31.91 14.40
C ASP B 173 -19.18 -33.38 13.87
N GLY B 174 -18.58 -33.63 12.70
CA GLY B 174 -18.51 -34.98 12.11
C GLY B 174 -17.23 -35.76 12.35
N LEU B 175 -16.49 -35.43 13.39
CA LEU B 175 -15.23 -36.13 13.68
C LEU B 175 -15.44 -37.60 14.07
N GLY B 176 -16.51 -37.87 14.80
CA GLY B 176 -16.79 -39.23 15.29
C GLY B 176 -16.25 -39.53 16.67
N TYR B 177 -15.41 -38.62 17.19
CA TYR B 177 -14.68 -38.80 18.45
C TYR B 177 -14.42 -37.45 19.12
N THR B 178 -14.16 -37.46 20.42
CA THR B 178 -13.71 -36.26 21.11
C THR B 178 -12.17 -36.24 21.09
N PRO B 179 -11.57 -35.15 20.53
CA PRO B 179 -10.12 -35.04 20.48
C PRO B 179 -9.50 -34.63 21.79
N THR B 180 -8.20 -34.91 21.92
CA THR B 180 -7.47 -34.87 23.18
C THR B 180 -6.34 -33.85 23.09
N THR B 181 -5.56 -34.00 22.03
CA THR B 181 -4.46 -33.13 21.74
C THR B 181 -4.59 -32.77 20.26
N VAL B 182 -4.70 -31.48 19.98
CA VAL B 182 -4.86 -30.99 18.61
C VAL B 182 -3.67 -30.12 18.22
N ALA B 183 -3.21 -30.33 16.98
CA ALA B 183 -2.11 -29.61 16.40
C ALA B 183 -2.58 -28.85 15.20
N ASP B 184 -2.11 -27.60 15.10
CA ASP B 184 -2.57 -26.65 14.08
C ASP B 184 -1.34 -26.14 13.33
N LEU B 185 -1.33 -26.34 12.02
CA LEU B 185 -0.17 -25.94 11.19
C LEU B 185 -0.44 -24.58 10.56
N GLY B 186 0.50 -23.66 10.82
CA GLY B 186 0.28 -22.22 10.56
C GLY B 186 -0.74 -21.62 11.51
N SER B 187 -0.56 -21.83 12.82
CA SER B 187 -1.55 -21.35 13.80
C SER B 187 -1.91 -19.84 13.80
N GLY B 188 -1.06 -18.99 13.26
CA GLY B 188 -1.34 -17.51 13.25
C GLY B 188 -1.71 -16.90 14.60
N SER B 189 -2.92 -16.31 14.69
CA SER B 189 -3.42 -15.67 15.92
C SER B 189 -3.68 -16.66 17.10
N GLY B 190 -3.66 -17.94 16.78
CA GLY B 190 -3.88 -18.98 17.76
C GLY B 190 -5.36 -19.15 18.05
N GLU B 191 -6.20 -18.47 17.27
CA GLU B 191 -7.61 -18.42 17.62
C GLU B 191 -8.30 -19.75 17.36
N ARG B 192 -7.87 -20.51 16.35
CA ARG B 192 -8.52 -21.81 16.08
C ARG B 192 -8.35 -22.70 17.29
N LEU B 193 -7.12 -22.85 17.77
CA LEU B 193 -6.88 -23.68 18.92
C LEU B 193 -7.67 -23.23 20.15
N ILE B 194 -7.80 -21.90 20.32
CA ILE B 194 -8.59 -21.37 21.42
C ILE B 194 -10.04 -21.81 21.32
N GLN B 195 -10.61 -21.73 20.13
CA GLN B 195 -12.04 -21.99 19.92
C GLN B 195 -12.35 -23.48 20.06
N ILE B 196 -11.39 -24.29 19.64
CA ILE B 196 -11.44 -25.72 19.88
C ILE B 196 -11.44 -26.05 21.39
N ALA B 197 -10.57 -25.42 22.15
CA ALA B 197 -10.59 -25.62 23.60
C ALA B 197 -11.88 -25.13 24.28
N ARG B 198 -12.55 -24.12 23.74
CA ARG B 198 -13.79 -23.66 24.35
C ARG B 198 -14.86 -24.73 24.14
N ARG B 199 -14.76 -25.50 23.06
CA ARG B 199 -15.75 -26.51 22.70
C ARG B 199 -15.46 -27.85 23.38
N PHE B 200 -14.19 -28.21 23.45
CA PHE B 200 -13.76 -29.43 24.09
C PHE B 200 -12.91 -29.12 25.31
N PRO B 201 -13.57 -28.81 26.44
CA PRO B 201 -12.80 -28.37 27.61
C PRO B 201 -11.79 -29.44 28.06
N GLY B 202 -10.61 -28.99 28.46
CA GLY B 202 -9.55 -29.89 28.83
C GLY B 202 -8.68 -30.48 27.73
N VAL B 203 -8.97 -30.20 26.44
CA VAL B 203 -7.99 -30.58 25.38
C VAL B 203 -6.69 -29.77 25.43
N ARG B 204 -5.61 -30.39 24.96
CA ARG B 204 -4.33 -29.69 24.84
C ARG B 204 -4.13 -29.24 23.40
N GLY B 205 -3.47 -28.10 23.21
CA GLY B 205 -3.26 -27.52 21.87
C GLY B 205 -1.81 -27.21 21.60
N LEU B 206 -1.40 -27.44 20.37
CA LEU B 206 -0.05 -27.09 19.93
C LEU B 206 -0.15 -26.43 18.55
N GLY B 207 0.47 -25.26 18.44
CA GLY B 207 0.40 -24.46 17.23
C GLY B 207 1.80 -24.31 16.73
N VAL B 208 1.99 -24.60 15.45
CA VAL B 208 3.25 -24.42 14.79
C VAL B 208 3.07 -23.26 13.81
N ASP B 209 3.87 -22.24 13.94
CA ASP B 209 3.89 -21.21 12.91
C ASP B 209 5.33 -20.80 12.62
N ILE B 210 5.63 -20.50 11.37
CA ILE B 210 7.00 -20.19 10.93
C ILE B 210 7.47 -18.75 11.25
N ALA B 211 6.56 -17.92 11.75
CA ALA B 211 6.76 -16.45 11.83
C ALA B 211 6.78 -15.96 13.28
N ASP B 212 7.82 -15.24 13.68
CA ASP B 212 7.89 -14.78 15.07
C ASP B 212 6.68 -13.95 15.50
N GLY B 213 6.13 -13.14 14.58
CA GLY B 213 4.98 -12.25 14.90
C GLY B 213 3.64 -12.95 15.14
N ALA B 214 3.41 -14.04 14.39
CA ALA B 214 2.29 -14.99 14.65
C ALA B 214 2.39 -15.63 16.04
N ILE B 215 3.55 -16.22 16.32
CA ILE B 215 3.83 -16.87 17.60
C ILE B 215 3.55 -15.86 18.70
N ALA B 216 4.22 -14.70 18.62
CA ALA B 216 4.05 -13.69 19.69
C ALA B 216 2.60 -13.28 19.92
N MET B 217 1.83 -13.09 18.87
CA MET B 217 0.44 -12.66 19.01
C MET B 217 -0.37 -13.79 19.66
N ALA B 218 -0.10 -15.02 19.22
CA ALA B 218 -0.85 -16.19 19.71
C ALA B 218 -0.58 -16.39 21.21
N GLU B 219 0.67 -16.23 21.62
CA GLU B 219 1.01 -16.29 23.04
C GLU B 219 0.30 -15.23 23.90
N LYS B 220 0.20 -13.99 23.42
CA LYS B 220 -0.45 -12.93 24.19
C LYS B 220 -1.92 -13.22 24.22
N GLU B 221 -2.44 -13.76 23.13
CA GLU B 221 -3.86 -14.06 23.06
C GLU B 221 -4.30 -15.23 23.94
N VAL B 222 -3.53 -16.31 24.00
CA VAL B 222 -3.96 -17.43 24.85
C VAL B 222 -3.83 -17.03 26.29
N ALA B 223 -2.83 -16.18 26.59
CA ALA B 223 -2.60 -15.60 27.94
C ALA B 223 -3.73 -14.70 28.39
N ALA B 224 -4.02 -13.65 27.63
CA ALA B 224 -5.20 -12.84 27.90
C ALA B 224 -6.48 -13.69 28.14
N LYS B 225 -6.69 -14.74 27.33
CA LYS B 225 -7.98 -15.46 27.34
C LYS B 225 -8.04 -16.68 28.28
N GLY B 226 -6.91 -17.01 28.94
CA GLY B 226 -6.91 -17.95 30.06
C GLY B 226 -6.56 -19.40 29.75
N PHE B 227 -6.12 -19.67 28.52
CA PHE B 227 -5.75 -21.03 28.13
C PHE B 227 -4.28 -21.33 28.14
N GLY B 228 -3.46 -20.60 28.91
CA GLY B 228 -1.97 -20.69 28.79
C GLY B 228 -1.26 -22.02 29.11
N ASP B 229 -1.96 -22.89 29.83
CA ASP B 229 -1.46 -24.19 30.27
C ASP B 229 -2.12 -25.32 29.49
N GLN B 230 -3.14 -25.01 28.69
CA GLN B 230 -3.71 -25.97 27.73
C GLN B 230 -3.07 -25.88 26.36
N ILE B 231 -2.65 -24.69 25.95
CA ILE B 231 -2.17 -24.43 24.59
C ILE B 231 -0.80 -23.78 24.57
N SER B 232 0.14 -24.39 23.85
CA SER B 232 1.44 -23.82 23.57
C SER B 232 1.67 -23.62 22.06
N PHE B 233 2.77 -22.93 21.74
CA PHE B 233 3.18 -22.65 20.36
C PHE B 233 4.65 -22.83 20.22
N VAL B 234 5.08 -23.14 18.99
CA VAL B 234 6.47 -23.32 18.69
C VAL B 234 6.75 -22.73 17.30
N ARG B 235 7.81 -21.94 17.18
CA ARG B 235 8.20 -21.39 15.91
C ARG B 235 8.75 -22.57 15.10
N GLY B 236 8.33 -22.67 13.85
CA GLY B 236 8.75 -23.82 13.05
C GLY B 236 8.12 -23.88 11.67
N ASP B 237 8.77 -24.65 10.81
CA ASP B 237 8.33 -24.83 9.43
C ASP B 237 7.63 -26.20 9.29
N ALA B 238 6.32 -26.16 8.98
CA ALA B 238 5.54 -27.40 8.78
C ALA B 238 5.99 -28.25 7.55
N ARG B 239 6.78 -27.64 6.64
CA ARG B 239 7.40 -28.33 5.47
C ARG B 239 8.61 -29.21 5.89
N THR B 240 9.24 -28.82 7.00
CA THR B 240 10.36 -29.57 7.59
C THR B 240 9.93 -29.97 9.01
N ILE B 241 8.84 -30.73 9.07
CA ILE B 241 8.19 -31.06 10.32
C ILE B 241 9.04 -31.92 11.27
N ASP B 242 9.94 -32.73 10.70
CA ASP B 242 10.93 -33.49 11.49
C ASP B 242 11.92 -32.65 12.29
N GLN B 243 12.18 -31.41 11.83
CA GLN B 243 13.14 -30.48 12.47
C GLN B 243 12.50 -29.56 13.48
N VAL B 244 11.17 -29.58 13.53
CA VAL B 244 10.48 -28.74 14.49
C VAL B 244 10.93 -29.24 15.88
N SER B 245 11.18 -28.29 16.79
CA SER B 245 11.83 -28.53 18.09
C SER B 245 10.98 -29.25 19.13
N ALA B 246 9.65 -29.18 19.02
CA ALA B 246 8.70 -29.71 20.03
C ALA B 246 8.38 -31.20 19.85
N ARG B 247 9.41 -32.02 19.95
CA ARG B 247 9.29 -33.49 19.90
C ARG B 247 8.11 -34.01 20.73
N GLY B 248 8.25 -33.95 22.06
CA GLY B 248 7.27 -34.49 23.02
C GLY B 248 5.90 -34.81 22.45
N GLU B 249 5.08 -33.77 22.31
CA GLU B 249 3.63 -33.85 22.10
C GLU B 249 3.13 -34.32 20.70
N PHE B 250 4.00 -34.50 19.71
CA PHE B 250 3.54 -34.84 18.35
C PHE B 250 2.82 -36.19 18.25
N ALA B 251 3.35 -37.19 18.94
CA ALA B 251 2.78 -38.52 18.82
C ALA B 251 1.49 -38.66 19.62
N GLU B 252 1.19 -37.70 20.50
CA GLU B 252 -0.06 -37.69 21.31
C GLU B 252 -1.25 -36.99 20.61
N VAL B 253 -0.96 -36.30 19.51
CA VAL B 253 -1.95 -35.57 18.75
C VAL B 253 -2.88 -36.51 17.96
N ASP B 254 -4.19 -36.31 18.13
CA ASP B 254 -5.23 -37.08 17.45
C ASP B 254 -6.16 -36.24 16.53
N LEU B 255 -5.89 -34.92 16.44
CA LEU B 255 -6.56 -34.03 15.48
C LEU B 255 -5.53 -33.09 14.91
N LEU B 256 -5.43 -33.06 13.59
CA LEU B 256 -4.55 -32.16 12.90
C LEU B 256 -5.42 -31.12 12.13
N THR B 257 -5.08 -29.82 12.24
CA THR B 257 -5.70 -28.79 11.40
C THR B 257 -4.69 -27.95 10.69
N CYS B 258 -5.03 -27.50 9.49
CA CYS B 258 -4.17 -26.60 8.72
C CYS B 258 -5.02 -25.72 7.80
N PHE B 259 -4.98 -24.40 8.03
CA PHE B 259 -5.87 -23.48 7.33
C PHE B 259 -5.15 -22.30 6.75
N MET B 260 -5.39 -22.03 5.46
CA MET B 260 -4.87 -20.86 4.74
C MET B 260 -3.37 -20.92 4.43
N MET B 261 -2.85 -22.14 4.45
CA MET B 261 -1.46 -22.35 4.15
C MET B 261 -1.18 -23.64 3.40
N GLY B 262 -2.22 -24.38 3.05
CA GLY B 262 -2.02 -25.61 2.28
C GLY B 262 -1.13 -25.43 1.09
N HIS B 263 -1.38 -24.34 0.37
CA HIS B 263 -0.63 -23.99 -0.81
C HIS B 263 0.88 -23.79 -0.52
N ASP B 264 1.29 -23.52 0.73
CA ASP B 264 2.74 -23.42 0.99
C ASP B 264 3.50 -24.77 0.88
N PHE B 265 2.75 -25.88 0.92
CA PHE B 265 3.30 -27.21 0.73
C PHE B 265 3.76 -27.53 -0.70
N TRP B 266 3.16 -26.87 -1.67
CA TRP B 266 3.39 -27.12 -3.09
C TRP B 266 4.73 -26.57 -3.58
N PRO B 267 5.11 -26.82 -4.86
CA PRO B 267 4.53 -27.60 -5.99
C PRO B 267 4.18 -29.05 -5.65
N ARG B 268 3.71 -29.76 -6.66
CA ARG B 268 3.04 -31.04 -6.45
C ARG B 268 3.91 -32.09 -5.76
N GLU B 269 5.15 -32.26 -6.23
CA GLU B 269 6.13 -33.14 -5.60
C GLU B 269 6.23 -32.84 -4.11
N ASN B 270 6.50 -31.57 -3.79
CA ASN B 270 6.86 -31.18 -2.40
C ASN B 270 5.67 -31.41 -1.48
N CYS B 271 4.49 -31.13 -2.02
CA CYS B 271 3.26 -31.36 -1.28
C CYS B 271 3.12 -32.86 -0.96
N VAL B 272 3.22 -33.72 -1.97
CA VAL B 272 3.16 -35.18 -1.72
C VAL B 272 4.16 -35.61 -0.65
N GLN B 273 5.42 -35.21 -0.79
CA GLN B 273 6.41 -35.64 0.20
C GLN B 273 6.10 -35.12 1.61
N THR B 274 5.68 -33.85 1.70
CA THR B 274 5.30 -33.22 2.97
C THR B 274 4.08 -33.88 3.62
N LEU B 275 3.07 -34.20 2.81
CA LEU B 275 1.91 -34.90 3.33
C LEU B 275 2.33 -36.19 3.96
N ARG B 276 3.24 -36.90 3.29
CA ARG B 276 3.81 -38.16 3.85
C ARG B 276 4.58 -37.96 5.16
N LYS B 277 5.39 -36.91 5.24
CA LYS B 277 6.07 -36.58 6.51
C LYS B 277 5.09 -36.28 7.64
N LEU B 278 3.96 -35.66 7.31
CA LEU B 278 2.94 -35.38 8.33
C LEU B 278 2.26 -36.63 8.83
N ARG B 279 1.99 -37.59 7.93
CA ARG B 279 1.32 -38.81 8.35
C ARG B 279 2.25 -39.58 9.31
N ALA B 280 3.55 -39.47 9.08
CA ALA B 280 4.57 -40.16 9.84
C ALA B 280 4.86 -39.50 11.21
N ALA B 281 4.74 -38.17 11.28
CA ALA B 281 5.10 -37.45 12.50
C ALA B 281 3.90 -37.28 13.39
N PHE B 282 2.69 -37.41 12.84
CA PHE B 282 1.47 -37.47 13.65
C PHE B 282 0.80 -38.83 13.48
N PRO B 283 1.44 -39.89 14.04
CA PRO B 283 0.93 -41.25 13.82
C PRO B 283 -0.44 -41.44 14.35
N ASN B 284 -0.77 -40.75 15.42
CA ASN B 284 -2.08 -40.92 16.05
C ASN B 284 -3.17 -39.92 15.67
N VAL B 285 -2.93 -39.10 14.66
CA VAL B 285 -3.99 -38.27 14.10
C VAL B 285 -4.98 -39.15 13.38
N ARG B 286 -6.24 -38.90 13.63
CA ARG B 286 -7.33 -39.62 13.01
C ARG B 286 -7.87 -38.75 11.89
N ARG B 287 -8.33 -37.55 12.23
CA ARG B 287 -8.79 -36.62 11.21
C ARG B 287 -7.84 -35.47 11.04
N PHE B 288 -7.70 -35.09 9.78
CA PHE B 288 -6.88 -33.98 9.36
C PHE B 288 -7.80 -33.06 8.58
N LEU B 289 -8.01 -31.86 9.09
CA LEU B 289 -8.82 -30.88 8.42
C LEU B 289 -7.91 -29.87 7.77
N LEU B 290 -8.04 -29.74 6.46
CA LEU B 290 -7.26 -28.84 5.67
C LEU B 290 -8.22 -27.85 4.95
N GLY B 291 -8.03 -26.55 5.20
CA GLY B 291 -8.85 -25.53 4.57
C GLY B 291 -7.99 -24.58 3.82
N ASP B 292 -8.41 -24.16 2.63
CA ASP B 292 -7.59 -23.21 1.87
C ASP B 292 -8.40 -22.57 0.77
N ALA B 293 -7.86 -21.49 0.21
CA ALA B 293 -8.34 -20.89 -1.00
C ALA B 293 -7.50 -21.45 -2.15
N THR B 294 -8.03 -21.43 -3.37
CA THR B 294 -7.36 -22.05 -4.53
C THR B 294 -7.28 -21.14 -5.72
N ARG B 295 -6.30 -21.37 -6.61
CA ARG B 295 -6.21 -20.62 -7.84
C ARG B 295 -7.47 -20.81 -8.67
N THR B 296 -8.08 -19.71 -9.11
CA THR B 296 -9.32 -19.81 -9.89
C THR B 296 -9.05 -20.06 -11.37
N VAL B 297 -10.10 -20.45 -12.11
CA VAL B 297 -10.01 -20.52 -13.56
C VAL B 297 -11.15 -19.79 -14.32
N GLY B 298 -10.73 -19.03 -15.33
CA GLY B 298 -11.61 -18.41 -16.31
C GLY B 298 -12.37 -17.20 -15.87
N ILE B 299 -12.03 -16.56 -14.74
CA ILE B 299 -12.87 -15.45 -14.32
C ILE B 299 -12.46 -14.28 -15.20
N PRO B 300 -13.44 -13.64 -15.85
CA PRO B 300 -13.11 -12.46 -16.68
C PRO B 300 -12.69 -11.24 -15.82
N ASP B 301 -11.72 -10.49 -16.32
CA ASP B 301 -10.99 -9.45 -15.56
C ASP B 301 -11.86 -8.40 -14.87
N ARG B 302 -12.92 -7.97 -15.55
CA ARG B 302 -13.79 -6.98 -14.99
C ARG B 302 -14.76 -7.60 -13.99
N GLU B 303 -14.64 -8.89 -13.70
CA GLU B 303 -15.59 -9.56 -12.81
C GLU B 303 -14.92 -10.32 -11.65
N LEU B 304 -13.68 -10.02 -11.38
CA LEU B 304 -12.99 -10.66 -10.30
C LEU B 304 -13.63 -10.24 -9.00
N PRO B 305 -14.05 -11.21 -8.18
CA PRO B 305 -14.64 -10.78 -6.95
C PRO B 305 -13.57 -10.29 -5.98
N VAL B 306 -14.04 -9.91 -4.81
CA VAL B 306 -13.15 -9.54 -3.76
C VAL B 306 -12.16 -10.70 -3.46
N PHE B 307 -10.94 -10.33 -3.07
CA PHE B 307 -9.86 -11.26 -2.64
C PHE B 307 -9.13 -11.96 -3.76
N THR B 308 -9.85 -12.49 -4.73
CA THR B 308 -9.23 -13.38 -5.70
C THR B 308 -7.91 -12.83 -6.28
N LEU B 309 -7.93 -11.62 -6.80
CA LEU B 309 -6.78 -11.05 -7.50
C LEU B 309 -5.58 -10.81 -6.57
N GLY B 310 -5.89 -10.48 -5.33
CA GLY B 310 -4.90 -10.18 -4.35
C GLY B 310 -4.21 -11.42 -3.94
N PHE B 311 -5.02 -12.45 -3.75
CA PHE B 311 -4.52 -13.76 -3.35
C PHE B 311 -3.60 -14.33 -4.41
N GLU B 312 -4.05 -14.31 -5.66
CA GLU B 312 -3.32 -14.97 -6.73
C GLU B 312 -2.08 -14.18 -7.14
N PHE B 313 -2.27 -12.90 -7.43
CA PHE B 313 -1.17 -11.98 -7.77
C PHE B 313 -0.11 -11.98 -6.63
N GLY B 314 -0.58 -11.86 -5.39
CA GLY B 314 0.33 -11.79 -4.25
C GLY B 314 1.22 -13.00 -4.19
N HIS B 315 0.61 -14.19 -4.29
CA HIS B 315 1.38 -15.42 -4.20
C HIS B 315 2.28 -15.61 -5.43
N ASP B 316 1.82 -15.15 -6.59
CA ASP B 316 2.66 -15.21 -7.75
C ASP B 316 3.89 -14.31 -7.61
N MET B 317 3.72 -13.15 -6.95
CA MET B 317 4.81 -12.25 -6.64
C MET B 317 5.76 -12.91 -5.67
N MET B 318 5.24 -13.72 -4.75
CA MET B 318 6.05 -14.33 -3.73
C MET B 318 6.70 -15.64 -4.22
N GLY B 319 6.37 -16.08 -5.44
CA GLY B 319 6.95 -17.31 -6.00
C GLY B 319 6.44 -18.52 -5.27
N VAL B 320 5.16 -18.45 -4.89
CA VAL B 320 4.53 -19.49 -4.09
C VAL B 320 3.45 -20.11 -4.94
N TYR B 321 3.51 -21.42 -5.08
CA TYR B 321 2.67 -22.13 -6.01
C TYR B 321 1.23 -22.16 -5.45
N LEU B 322 0.25 -21.98 -6.32
CA LEU B 322 -1.14 -21.99 -5.94
C LEU B 322 -1.88 -23.00 -6.82
N PRO B 323 -2.33 -24.10 -6.22
CA PRO B 323 -3.02 -25.12 -6.97
C PRO B 323 -4.48 -24.79 -7.18
N THR B 324 -5.01 -25.21 -8.32
CA THR B 324 -6.46 -25.30 -8.54
C THR B 324 -7.04 -26.31 -7.56
N LEU B 325 -8.33 -26.22 -7.37
CA LEU B 325 -9.05 -27.22 -6.57
C LEU B 325 -8.85 -28.61 -7.14
N ASP B 326 -8.92 -28.72 -8.46
CA ASP B 326 -8.75 -30.03 -9.14
C ASP B 326 -7.35 -30.63 -9.01
N GLU B 327 -6.33 -29.81 -8.80
CA GLU B 327 -4.98 -30.32 -8.51
C GLU B 327 -4.87 -30.97 -7.17
N TRP B 328 -5.71 -30.54 -6.23
CA TRP B 328 -5.58 -31.04 -4.87
C TRP B 328 -6.03 -32.50 -4.83
N ASP B 329 -7.08 -32.77 -5.59
CA ASP B 329 -7.70 -34.11 -5.67
C ASP B 329 -6.61 -35.13 -5.97
N GLY B 330 -5.76 -34.78 -6.94
CA GLY B 330 -4.59 -35.61 -7.25
C GLY B 330 -3.87 -36.17 -6.03
N VAL B 331 -3.53 -35.29 -5.09
CA VAL B 331 -2.40 -35.54 -4.17
C VAL B 331 -2.64 -36.24 -2.82
N PHE B 332 -3.86 -36.30 -2.32
CA PHE B 332 -4.06 -36.82 -0.96
C PHE B 332 -3.70 -38.28 -0.75
N GLU B 333 -4.12 -39.13 -1.69
CA GLU B 333 -3.92 -40.57 -1.63
C GLU B 333 -2.45 -40.88 -1.77
N GLU B 334 -1.79 -40.23 -2.72
CA GLU B 334 -0.33 -40.35 -2.91
C GLU B 334 0.46 -39.90 -1.70
N GLY B 335 -0.03 -38.89 -0.98
CA GLY B 335 0.60 -38.41 0.23
C GLY B 335 0.27 -39.27 1.43
N GLY B 336 -0.51 -40.31 1.21
CA GLY B 336 -0.81 -41.26 2.27
C GLY B 336 -2.04 -40.89 3.05
N TRP B 337 -2.98 -40.19 2.42
CA TRP B 337 -4.22 -39.84 3.12
C TRP B 337 -5.45 -40.11 2.28
N ARG B 338 -6.54 -40.41 2.97
CA ARG B 338 -7.81 -40.66 2.32
C ARG B 338 -8.71 -39.45 2.48
N CYS B 339 -9.31 -39.00 1.40
CA CYS B 339 -10.18 -37.86 1.48
C CYS B 339 -11.58 -38.37 1.63
N VAL B 340 -12.18 -38.04 2.77
CA VAL B 340 -13.49 -38.59 3.15
C VAL B 340 -14.62 -37.63 2.84
N LYS B 341 -14.41 -36.33 3.05
CA LYS B 341 -15.43 -35.30 2.85
C LYS B 341 -14.80 -34.02 2.28
N LYS B 342 -15.54 -33.36 1.42
CA LYS B 342 -15.07 -32.15 0.76
C LYS B 342 -16.19 -31.14 0.81
N HIS B 343 -15.88 -29.94 1.32
CA HIS B 343 -16.80 -28.81 1.33
C HIS B 343 -16.40 -27.65 0.38
N ALA B 344 -17.32 -27.19 -0.44
CA ALA B 344 -17.11 -26.00 -1.25
C ALA B 344 -17.33 -24.78 -0.39
N ILE B 345 -16.42 -23.81 -0.47
CA ILE B 345 -16.67 -22.48 0.09
C ILE B 345 -16.65 -21.51 -1.07
N ASP B 346 -17.83 -21.00 -1.42
CA ASP B 346 -17.96 -20.09 -2.57
C ASP B 346 -17.90 -18.64 -2.13
N SER B 347 -17.90 -18.41 -0.82
CA SER B 347 -17.96 -17.06 -0.29
C SER B 347 -16.63 -16.32 -0.41
N LEU B 348 -15.55 -17.04 -0.65
CA LEU B 348 -14.20 -16.46 -0.70
C LEU B 348 -13.44 -17.08 -1.88
N SER B 349 -13.46 -16.36 -3.00
CA SER B 349 -12.84 -16.88 -4.21
C SER B 349 -13.38 -18.31 -4.38
N VAL B 350 -12.50 -19.27 -4.63
CA VAL B 350 -12.88 -20.66 -4.66
C VAL B 350 -12.08 -21.31 -3.56
N SER B 351 -12.73 -21.64 -2.45
CA SER B 351 -12.08 -22.16 -1.29
C SER B 351 -12.71 -23.52 -0.94
N VAL B 352 -12.07 -24.22 -0.03
CA VAL B 352 -12.47 -25.57 0.27
C VAL B 352 -11.98 -26.01 1.63
N VAL B 353 -12.74 -26.92 2.24
CA VAL B 353 -12.24 -27.71 3.36
C VAL B 353 -12.30 -29.20 3.04
N PHE B 354 -11.19 -29.89 3.30
CA PHE B 354 -11.06 -31.31 3.15
C PHE B 354 -11.01 -31.94 4.52
N GLU B 355 -11.81 -32.99 4.74
CA GLU B 355 -11.66 -33.89 5.89
C GLU B 355 -10.91 -35.11 5.39
N LEU B 356 -9.72 -35.30 5.97
CA LEU B 356 -8.80 -36.33 5.58
C LEU B 356 -8.59 -37.28 6.75
N GLU B 357 -8.27 -38.52 6.42
CA GLU B 357 -8.29 -39.64 7.36
C GLU B 357 -7.14 -40.60 7.07
N SAM C . 11.75 19.60 -5.78
CA SAM C . 11.77 18.24 -6.29
C SAM C . 10.94 18.31 -7.55
O SAM C . 10.37 19.41 -7.79
OXT SAM C . 10.88 17.30 -8.28
CB SAM C . 11.29 17.16 -5.31
CG SAM C . 9.86 17.38 -4.77
SD SAM C . 9.46 16.43 -3.44
CE SAM C . 7.84 16.25 -3.31
C5' SAM C . 9.83 17.23 -2.01
C4' SAM C . 11.30 17.20 -1.59
O4' SAM C . 11.36 18.06 -0.46
C3' SAM C . 11.79 15.84 -1.10
O3' SAM C . 12.89 15.47 -1.91
C2' SAM C . 12.16 16.02 0.38
O2' SAM C . 13.35 15.34 0.79
C1' SAM C . 12.34 17.53 0.43
N9 SAM C . 12.11 18.18 1.72
C8 SAM C . 10.99 18.16 2.47
N7 SAM C . 11.14 18.92 3.58
C5 SAM C . 12.36 19.42 3.50
C6 SAM C . 13.17 20.27 4.31
N6 SAM C . 12.64 20.73 5.45
N1 SAM C . 14.38 20.56 3.90
C2 SAM C . 14.90 20.12 2.76
N3 SAM C . 14.22 19.31 1.96
C4 SAM C . 12.99 18.94 2.28
C1 PPY D . 5.38 15.09 -0.23
O1 PPY D . 5.71 14.01 -0.80
O2 PPY D . 5.47 15.26 0.99
C2 PPY D . 4.86 16.18 -1.05
O3 PPY D . 4.65 17.25 -0.55
C3 PPY D . 4.63 15.85 -2.48
C1' PPY D . 3.99 16.83 -3.40
C2' PPY D . 3.81 16.38 -4.69
C3' PPY D . 3.22 17.18 -5.62
C4' PPY D . 2.78 18.42 -5.28
C5' PPY D . 2.97 18.88 -4.01
C6' PPY D . 3.57 18.10 -3.06
FE FE E . 5.07 17.29 1.31
C HF2 F . -0.72 37.42 -3.96
O HF2 F . -1.82 37.40 -4.58
CA HF2 F . 0.41 36.57 -4.55
OA HF2 F . 0.90 35.87 -3.40
CB HF2 F . 1.61 37.22 -5.26
CG HF2 F . 1.13 38.44 -6.06
CZ HF2 F . 0.27 40.66 -7.54
CD1 HF2 F . 0.73 39.60 -5.42
CD2 HF2 F . 1.12 38.40 -7.43
CE1 HF2 F . 0.29 40.70 -6.15
CE2 HF2 F . 0.68 39.50 -8.18
OXT HF2 F . -0.52 38.04 -2.87
CA CA G . -18.49 -9.64 -7.40
CA CA H . -12.16 -3.19 -20.50
CA CA I . 9.25 3.00 2.88
CA CA J . 5.98 -5.13 6.53
CA CA K . 20.56 21.54 8.82
CA CA L . -0.38 -1.68 10.66
CA CA M . 8.16 4.28 11.62
I IOD N . 1.62 -8.25 -29.78
N SAM O . -4.16 -20.56 10.35
CA SAM O . -4.39 -19.20 10.80
C SAM O . -5.84 -18.86 10.72
O SAM O . -6.65 -19.66 10.23
OXT SAM O . -6.25 -17.79 11.18
CB SAM O . -3.46 -18.19 10.08
CG SAM O . -3.67 -18.13 8.55
SD SAM O . -2.35 -17.44 7.77
CE SAM O . -2.77 -16.64 6.40
C5' SAM O . -1.24 -18.60 7.29
C4' SAM O . -0.23 -18.74 8.42
O4' SAM O . 0.63 -19.81 8.14
C3' SAM O . 0.69 -17.54 8.67
O3' SAM O . 0.62 -17.29 10.07
C2' SAM O . 2.10 -18.01 8.24
O2' SAM O . 3.16 -17.52 9.05
C1' SAM O . 2.01 -19.52 8.43
N9 SAM O . 2.91 -20.34 7.57
C8 SAM O . 3.15 -20.16 6.25
N7 SAM O . 4.00 -21.07 5.74
C5 SAM O . 4.30 -21.88 6.77
C6 SAM O . 5.14 -23.07 6.96
N6 SAM O . 5.86 -23.57 5.93
N1 SAM O . 5.20 -23.62 8.20
C2 SAM O . 4.53 -23.13 9.24
N3 SAM O . 3.75 -22.05 9.12
C4 SAM O . 3.59 -21.40 7.94
C1 PPY P . -1.00 -15.71 3.00
O1 PPY P . 0.08 -16.10 2.49
O2 PPY P . -1.12 -14.67 3.69
C2 PPY P . -2.18 -16.48 2.73
O3 PPY P . -2.12 -17.47 2.03
C3 PPY P . -3.46 -15.92 3.27
C1' PPY P . -4.79 -16.54 2.91
C2' PPY P . -5.90 -15.82 3.34
C3' PPY P . -7.16 -16.27 3.09
C4' PPY P . -7.33 -17.43 2.39
C5' PPY P . -6.24 -18.16 1.93
C6' PPY P . -4.96 -17.71 2.19
FE FE Q . -0.22 -17.93 1.53
C HF2 R . -11.76 -35.32 -4.14
O HF2 R . -11.08 -36.24 -4.67
CA HF2 R . -11.49 -34.80 -2.72
OA HF2 R . -10.10 -34.50 -2.74
CB HF2 R . -11.74 -35.67 -1.44
CG HF2 R . -12.90 -36.64 -1.71
CZ HF2 R . -15.02 -38.44 -2.13
CD1 HF2 R . -12.75 -37.73 -2.59
CD2 HF2 R . -14.09 -36.49 -1.03
CE1 HF2 R . -13.82 -38.63 -2.79
CE2 HF2 R . -15.15 -37.37 -1.25
OXT HF2 R . -12.64 -34.75 -4.82
CA CA S . -22.38 8.29 -1.08
CA CA T . -12.40 14.22 -12.04
CA CA U . -23.65 11.24 16.06
CA CA V . 9.63 0.53 -5.04
CA CA W . 11.93 -25.98 11.97
CA CA X . 11.89 -32.82 7.65
#